data_7BEE
#
_entry.id   7BEE
#
_cell.length_a   96.683
_cell.length_b   96.683
_cell.length_c   187.480
_cell.angle_alpha   90.000
_cell.angle_beta   90.000
_cell.angle_gamma   120.000
#
_symmetry.space_group_name_H-M   'P 32 2 1'
#
loop_
_entity.id
_entity.type
_entity.pdbx_description
1 polymer 'Collagen-binding protein'
2 polymer '21er collagen model peptide'
3 water water
#
loop_
_entity_poly.entity_id
_entity_poly.type
_entity_poly.pdbx_seq_one_letter_code
_entity_poly.pdbx_strand_id
1 'polypeptide(L)'
;MLSPKAATLAERSAGLAFSLYQAMAKDQAVENILLSPVVVASSLGLVSLGGKATTASQAKAVLSAEQLRDEEVHAGLGEL
LRSLSNSTARNVTWKLGSRLYGPSSVSFAEDFVRSSKQHYNCEHSKINFRDKRSALQSINEWAAQTTDGKLPEVTKDVER
TDGALLVNAMFFKPHWDEKFHHKMVDNRGFMVTRSYTVGVTMMHRTGLYNYYDDEKEKLQIVEMPLAHKLSSLIILMPHH
VEPLERLEKLLTKEQLKIWMGKMQKKAVAISLPKGVVEVTHDLQKHLAGLGLTEAIDKNKADLSRMSGKKDLYLASVFHA
TAFEWDTEGNPFDQDIYGREELRSPKLFYADHPFIFLVRDTQSGSLLFIGRLVRPKGDKMRDELLEHHHHHH
;
A,B
2 'polypeptide(L)' (ACE)PPGPPGPPGPRGFPGPPGPPG C,D,E,F,G,H
#
loop_
_chem_comp.id
_chem_comp.type
_chem_comp.name
_chem_comp.formula
ACE non-polymer 'ACETYL GROUP' 'C2 H4 O'
#
# COMPACT_ATOMS: atom_id res chain seq x y z
N MET A 1 -16.12 13.93 7.75
CA MET A 1 -17.53 13.59 7.57
C MET A 1 -18.17 14.49 6.52
N LEU A 2 -18.96 13.88 5.64
CA LEU A 2 -19.53 14.60 4.51
C LEU A 2 -20.56 15.63 4.97
N SER A 3 -20.49 16.81 4.37
CA SER A 3 -21.53 17.83 4.52
C SER A 3 -22.89 17.28 4.07
N PRO A 4 -23.97 17.93 4.52
CA PRO A 4 -25.30 17.49 4.06
C PRO A 4 -25.47 17.61 2.55
N LYS A 5 -24.83 18.61 1.94
CA LYS A 5 -24.87 18.72 0.49
C LYS A 5 -24.20 17.52 -0.17
N ALA A 6 -22.98 17.18 0.27
CA ALA A 6 -22.28 16.05 -0.34
C ALA A 6 -23.04 14.75 -0.10
N ALA A 7 -23.66 14.63 1.09
CA ALA A 7 -24.40 13.40 1.39
C ALA A 7 -25.59 13.24 0.45
N THR A 8 -26.26 14.34 0.12
CA THR A 8 -27.34 14.29 -0.87
C THR A 8 -26.82 13.89 -2.23
N LEU A 9 -25.65 14.40 -2.63
CA LEU A 9 -25.11 13.99 -3.92
C LEU A 9 -24.63 12.55 -3.89
N ALA A 10 -24.15 12.06 -2.74
CA ALA A 10 -23.77 10.65 -2.66
C ALA A 10 -24.99 9.75 -2.86
N GLU A 11 -26.13 10.18 -2.34
CA GLU A 11 -27.36 9.42 -2.49
C GLU A 11 -27.83 9.42 -3.94
N ARG A 12 -27.81 10.58 -4.60
CA ARG A 12 -28.11 10.63 -6.04
C ARG A 12 -27.17 9.72 -6.81
N SER A 13 -25.87 9.79 -6.50
CA SER A 13 -24.89 8.96 -7.20
C SER A 13 -25.19 7.48 -6.98
N ALA A 14 -25.57 7.11 -5.76
CA ALA A 14 -25.85 5.70 -5.47
C ALA A 14 -27.07 5.21 -6.24
N GLY A 15 -28.15 6.01 -6.27
CA GLY A 15 -29.33 5.61 -7.02
C GLY A 15 -29.02 5.43 -8.51
N LEU A 16 -28.19 6.30 -9.07
CA LEU A 16 -27.82 6.17 -10.47
C LEU A 16 -26.93 4.95 -10.73
N ALA A 17 -25.93 4.72 -9.87
CA ALA A 17 -25.05 3.57 -10.06
C ALA A 17 -25.84 2.28 -10.07
N PHE A 18 -26.87 2.20 -9.24
CA PHE A 18 -27.72 1.01 -9.20
C PHE A 18 -28.50 0.85 -10.50
N SER A 19 -29.11 1.92 -11.00
CA SER A 19 -29.83 1.84 -12.27
C SER A 19 -28.90 1.45 -13.41
N LEU A 20 -27.68 1.98 -13.42
CA LEU A 20 -26.70 1.66 -14.46
C LEU A 20 -26.24 0.21 -14.38
N TYR A 21 -25.93 -0.26 -13.17
CA TYR A 21 -25.60 -1.67 -13.00
C TYR A 21 -26.67 -2.56 -13.62
N GLN A 22 -27.94 -2.30 -13.29
CA GLN A 22 -29.02 -3.14 -13.78
C GLN A 22 -29.11 -3.09 -15.30
N ALA A 23 -28.93 -1.89 -15.89
CA ALA A 23 -28.92 -1.79 -17.35
C ALA A 23 -27.75 -2.58 -17.95
N MET A 24 -26.56 -2.46 -17.38
CA MET A 24 -25.42 -3.17 -17.97
C MET A 24 -25.53 -4.67 -17.77
N ALA A 25 -26.15 -5.10 -16.66
CA ALA A 25 -26.32 -6.53 -16.40
C ALA A 25 -27.24 -7.18 -17.41
N LYS A 26 -28.18 -6.43 -17.99
CA LYS A 26 -29.05 -6.97 -19.03
C LYS A 26 -28.34 -7.13 -20.36
N ASP A 27 -27.16 -6.54 -20.53
CA ASP A 27 -26.37 -6.62 -21.76
C ASP A 27 -25.49 -7.86 -21.72
N GLN A 28 -25.61 -8.74 -22.72
CA GLN A 28 -24.82 -9.97 -22.67
C GLN A 28 -23.44 -9.83 -23.33
N ALA A 29 -23.06 -8.63 -23.72
CA ALA A 29 -21.64 -8.45 -24.00
C ALA A 29 -20.89 -8.07 -22.74
N VAL A 30 -21.61 -7.78 -21.66
CA VAL A 30 -21.03 -7.37 -20.38
C VAL A 30 -20.79 -8.63 -19.55
N GLU A 31 -19.54 -8.82 -19.10
CA GLU A 31 -19.18 -9.93 -18.22
C GLU A 31 -18.95 -9.36 -16.84
N ASN A 32 -17.72 -9.08 -16.43
CA ASN A 32 -17.47 -8.45 -15.13
C ASN A 32 -17.98 -7.01 -15.13
N ILE A 33 -18.40 -6.52 -13.97
CA ILE A 33 -18.84 -5.14 -13.82
C ILE A 33 -18.05 -4.51 -12.68
N LEU A 34 -17.53 -3.30 -12.90
CA LEU A 34 -16.89 -2.51 -11.87
C LEU A 34 -17.36 -1.06 -12.00
N LEU A 35 -18.06 -0.52 -11.01
CA LEU A 35 -18.59 0.84 -11.13
C LEU A 35 -18.39 1.64 -9.84
N SER A 36 -17.88 2.86 -9.98
CA SER A 36 -17.80 3.80 -8.86
C SER A 36 -18.89 4.85 -8.98
N PRO A 37 -19.85 4.93 -8.04
CA PRO A 37 -21.00 5.84 -8.23
C PRO A 37 -20.64 7.31 -8.41
N VAL A 38 -19.73 7.85 -7.57
CA VAL A 38 -19.36 9.27 -7.67
C VAL A 38 -18.67 9.53 -9.00
N VAL A 39 -17.91 8.57 -9.51
CA VAL A 39 -17.25 8.77 -10.79
C VAL A 39 -18.27 8.76 -11.92
N VAL A 40 -19.23 7.83 -11.88
CA VAL A 40 -20.30 7.86 -12.89
C VAL A 40 -21.05 9.19 -12.80
N ALA A 41 -21.38 9.59 -11.59
CA ALA A 41 -22.11 10.84 -11.42
C ALA A 41 -21.31 12.04 -11.94
N SER A 42 -19.97 11.99 -11.76
CA SER A 42 -19.12 13.08 -12.25
C SER A 42 -19.15 13.18 -13.77
N SER A 43 -19.33 12.06 -14.47
CA SER A 43 -19.54 12.15 -15.91
C SER A 43 -20.76 13.00 -16.23
N LEU A 44 -21.86 12.79 -15.50
CA LEU A 44 -23.04 13.59 -15.75
C LEU A 44 -22.84 15.03 -15.30
N GLY A 45 -22.13 15.23 -14.19
CA GLY A 45 -21.84 16.59 -13.74
C GLY A 45 -21.01 17.36 -14.76
N LEU A 46 -20.05 16.67 -15.39
CA LEU A 46 -19.25 17.32 -16.43
C LEU A 46 -20.10 17.71 -17.62
N VAL A 47 -21.05 16.85 -18.01
CA VAL A 47 -21.94 17.20 -19.13
C VAL A 47 -22.78 18.40 -18.76
N SER A 48 -23.28 18.45 -17.52
CA SER A 48 -24.01 19.63 -17.08
C SER A 48 -23.11 20.85 -17.06
N LEU A 49 -21.87 20.68 -16.60
CA LEU A 49 -20.95 21.80 -16.55
C LEU A 49 -20.59 22.31 -17.95
N GLY A 50 -20.44 21.40 -18.92
CA GLY A 50 -20.07 21.82 -20.27
C GLY A 50 -21.20 22.01 -21.26
N GLY A 51 -22.45 21.73 -20.88
CA GLY A 51 -23.57 21.76 -21.79
C GLY A 51 -24.59 22.85 -21.50
N LYS A 52 -25.51 23.01 -22.45
CA LYS A 52 -26.63 23.92 -22.29
C LYS A 52 -27.91 23.23 -22.70
N ALA A 53 -29.02 23.87 -22.32
CA ALA A 53 -30.38 23.52 -22.75
C ALA A 53 -30.62 22.03 -22.45
N THR A 54 -31.15 21.26 -23.38
CA THR A 54 -31.55 19.89 -23.09
C THR A 54 -30.35 18.96 -22.93
N THR A 55 -29.19 19.30 -23.51
CA THR A 55 -28.01 18.48 -23.28
C THR A 55 -27.70 18.41 -21.80
N ALA A 56 -27.71 19.57 -21.14
CA ALA A 56 -27.40 19.65 -19.72
C ALA A 56 -28.57 19.21 -18.86
N SER A 57 -29.80 19.58 -19.25
CA SER A 57 -30.94 19.22 -18.42
C SER A 57 -31.13 17.70 -18.36
N GLN A 58 -30.82 16.99 -19.44
CA GLN A 58 -30.88 15.54 -19.41
C GLN A 58 -29.83 14.98 -18.44
N ALA A 59 -28.64 15.59 -18.41
CA ALA A 59 -27.60 15.10 -17.51
C ALA A 59 -28.07 15.16 -16.07
N LYS A 60 -28.66 16.29 -15.68
CA LYS A 60 -29.17 16.41 -14.33
C LYS A 60 -30.35 15.47 -14.09
N ALA A 61 -31.16 15.23 -15.13
CA ALA A 61 -32.29 14.33 -14.98
C ALA A 61 -31.83 12.90 -14.72
N VAL A 62 -30.79 12.45 -15.43
CA VAL A 62 -30.30 11.09 -15.22
C VAL A 62 -29.77 10.93 -13.79
N LEU A 63 -29.25 12.01 -13.20
CA LEU A 63 -28.77 12.03 -11.83
C LEU A 63 -29.88 12.23 -10.80
N SER A 64 -31.13 12.40 -11.25
CA SER A 64 -32.27 12.77 -10.39
C SER A 64 -31.99 14.05 -9.60
N ALA A 65 -31.25 14.98 -10.21
CA ALA A 65 -30.82 16.20 -9.55
C ALA A 65 -31.56 17.42 -10.09
N GLU A 66 -32.80 17.23 -10.56
CA GLU A 66 -33.55 18.33 -11.16
C GLU A 66 -33.73 19.48 -10.18
N GLN A 67 -33.90 19.19 -8.91
CA GLN A 67 -34.21 20.20 -7.92
C GLN A 67 -32.98 20.67 -7.18
N LEU A 68 -31.80 20.30 -7.64
CA LEU A 68 -30.57 20.88 -7.15
C LEU A 68 -30.14 21.98 -8.12
N ARG A 69 -29.65 23.08 -7.58
CA ARG A 69 -29.02 24.09 -8.41
C ARG A 69 -27.75 23.51 -9.03
N ASP A 70 -27.43 23.98 -10.24
CA ASP A 70 -26.25 23.49 -10.94
C ASP A 70 -25.01 23.52 -10.05
N GLU A 71 -24.80 24.64 -9.36
CA GLU A 71 -23.62 24.77 -8.53
C GLU A 71 -23.63 23.77 -7.38
N GLU A 72 -24.82 23.35 -6.94
CA GLU A 72 -24.88 22.37 -5.86
C GLU A 72 -24.39 21.01 -6.36
N VAL A 73 -24.70 20.65 -7.61
CA VAL A 73 -24.26 19.37 -8.15
C VAL A 73 -22.74 19.31 -8.17
N HIS A 74 -22.11 20.31 -8.78
CA HIS A 74 -20.65 20.31 -8.93
C HIS A 74 -19.96 20.36 -7.58
N ALA A 75 -20.50 21.16 -6.65
CA ALA A 75 -19.88 21.29 -5.33
C ALA A 75 -20.00 20.00 -4.53
N GLY A 76 -21.19 19.41 -4.50
CA GLY A 76 -21.40 18.20 -3.73
C GLY A 76 -20.58 17.04 -4.27
N LEU A 77 -20.50 16.92 -5.59
CA LEU A 77 -19.69 15.85 -6.17
C LEU A 77 -18.21 16.09 -5.94
N GLY A 78 -17.79 17.37 -6.00
CA GLY A 78 -16.39 17.67 -5.74
C GLY A 78 -15.96 17.31 -4.34
N GLU A 79 -16.80 17.64 -3.35
CA GLU A 79 -16.48 17.27 -1.98
C GLU A 79 -16.38 15.75 -1.83
N LEU A 80 -17.31 15.02 -2.44
CA LEU A 80 -17.22 13.55 -2.48
C LEU A 80 -15.88 13.08 -3.04
N LEU A 81 -15.54 13.51 -4.25
CA LEU A 81 -14.31 13.08 -4.89
C LEU A 81 -13.10 13.38 -4.02
N ARG A 82 -13.01 14.61 -3.50
CA ARG A 82 -11.91 14.97 -2.64
C ARG A 82 -11.88 14.09 -1.40
N SER A 83 -13.06 13.65 -0.94
CA SER A 83 -13.12 12.81 0.24
C SER A 83 -12.56 11.42 -0.05
N LEU A 84 -12.80 10.90 -1.25
CA LEU A 84 -12.34 9.54 -1.55
C LEU A 84 -10.83 9.49 -1.74
N SER A 85 -10.22 10.62 -2.09
CA SER A 85 -8.78 10.74 -2.26
C SER A 85 -8.10 11.32 -1.03
N ASN A 86 -8.82 11.44 0.08
CA ASN A 86 -8.28 12.09 1.25
C ASN A 86 -7.18 11.23 1.89
N SER A 87 -7.42 9.94 2.03
CA SER A 87 -6.48 8.99 2.62
C SER A 87 -6.10 9.35 4.05
N THR A 88 -6.85 10.26 4.69
CA THR A 88 -6.54 10.65 6.07
C THR A 88 -6.85 9.52 7.03
N ALA A 89 -8.12 9.13 7.11
CA ALA A 89 -8.57 8.07 8.00
C ALA A 89 -8.79 6.73 7.33
N ARG A 90 -8.92 6.69 6.01
CA ARG A 90 -9.46 5.48 5.36
C ARG A 90 -8.49 4.31 5.33
N ASN A 91 -7.20 4.57 5.09
CA ASN A 91 -6.21 3.50 4.94
C ASN A 91 -6.65 2.51 3.85
N VAL A 92 -7.19 3.03 2.74
CA VAL A 92 -7.68 2.21 1.65
C VAL A 92 -7.19 2.79 0.34
N THR A 93 -6.57 1.95 -0.50
CA THR A 93 -5.89 2.40 -1.70
C THR A 93 -6.90 2.73 -2.79
N TRP A 94 -6.91 3.99 -3.18
CA TRP A 94 -7.83 4.51 -4.20
C TRP A 94 -7.05 5.48 -5.09
N LYS A 95 -6.90 5.17 -6.37
CA LYS A 95 -6.27 6.08 -7.32
C LYS A 95 -7.27 6.38 -8.41
N LEU A 96 -7.48 7.67 -8.71
CA LEU A 96 -8.46 8.05 -9.72
C LEU A 96 -7.89 9.16 -10.58
N GLY A 97 -8.02 9.02 -11.89
CA GLY A 97 -7.73 10.09 -12.82
C GLY A 97 -8.91 10.29 -13.74
N SER A 98 -9.14 11.54 -14.11
CA SER A 98 -10.22 11.90 -15.01
C SER A 98 -9.66 12.84 -16.05
N ARG A 99 -9.79 12.47 -17.32
CA ARG A 99 -9.25 13.26 -18.43
C ARG A 99 -10.25 13.35 -19.57
N LEU A 100 -10.49 14.57 -20.02
CA LEU A 100 -11.37 14.82 -21.17
C LEU A 100 -10.50 15.01 -22.40
N TYR A 101 -10.62 14.10 -23.37
CA TYR A 101 -9.87 14.20 -24.61
C TYR A 101 -10.76 14.85 -25.67
N GLY A 102 -10.28 15.95 -26.25
CA GLY A 102 -10.99 16.61 -27.33
C GLY A 102 -10.18 16.59 -28.62
N PRO A 103 -10.87 16.75 -29.76
CA PRO A 103 -10.16 16.81 -31.05
C PRO A 103 -9.16 17.95 -31.08
N SER A 104 -8.11 17.76 -31.87
CA SER A 104 -7.03 18.74 -31.94
C SER A 104 -7.54 20.12 -32.35
N SER A 105 -8.62 20.18 -33.12
CA SER A 105 -9.18 21.41 -33.64
C SER A 105 -10.21 22.08 -32.74
N VAL A 106 -10.26 21.77 -31.44
CA VAL A 106 -11.35 22.30 -30.63
C VAL A 106 -10.79 22.81 -29.30
N SER A 107 -10.88 24.13 -29.08
CA SER A 107 -10.26 24.77 -27.93
C SER A 107 -11.20 24.79 -26.72
N PHE A 108 -10.75 24.19 -25.63
CA PHE A 108 -11.53 24.20 -24.39
C PHE A 108 -11.61 25.62 -23.81
N ALA A 109 -12.83 26.06 -23.49
CA ALA A 109 -13.02 27.37 -22.88
C ALA A 109 -12.32 27.44 -21.54
N GLU A 110 -11.61 28.55 -21.33
CA GLU A 110 -10.84 28.82 -20.09
C GLU A 110 -11.75 28.68 -18.86
N ASP A 111 -13.00 29.14 -18.94
CA ASP A 111 -13.86 29.03 -17.77
C ASP A 111 -14.19 27.56 -17.44
N PHE A 112 -14.40 26.73 -18.47
CA PHE A 112 -14.73 25.32 -18.25
C PHE A 112 -13.54 24.52 -17.68
N VAL A 113 -12.31 24.79 -18.15
CA VAL A 113 -11.17 24.08 -17.60
C VAL A 113 -11.01 24.40 -16.12
N ARG A 114 -11.14 25.67 -15.74
CA ARG A 114 -11.00 26.01 -14.33
C ARG A 114 -12.07 25.33 -13.49
N SER A 115 -13.31 25.33 -13.95
CA SER A 115 -14.40 24.74 -13.19
C SER A 115 -14.27 23.23 -13.13
N SER A 116 -13.97 22.59 -14.26
CA SER A 116 -13.85 21.14 -14.23
C SER A 116 -12.63 20.69 -13.43
N LYS A 117 -11.55 21.48 -13.47
CA LYS A 117 -10.41 21.20 -12.58
C LYS A 117 -10.80 21.43 -11.12
N GLN A 118 -11.49 22.53 -10.84
CA GLN A 118 -11.86 22.86 -9.47
C GLN A 118 -12.74 21.79 -8.85
N HIS A 119 -13.78 21.38 -9.57
CA HIS A 119 -14.78 20.49 -9.00
C HIS A 119 -14.47 19.01 -9.22
N TYR A 120 -14.00 18.65 -10.42
CA TYR A 120 -13.88 17.24 -10.77
C TYR A 120 -12.44 16.79 -10.96
N ASN A 121 -11.46 17.65 -10.68
CA ASN A 121 -10.06 17.33 -10.92
C ASN A 121 -9.84 16.86 -12.35
N CYS A 122 -10.68 17.33 -13.27
CA CYS A 122 -10.64 16.87 -14.64
C CYS A 122 -9.44 17.47 -15.37
N GLU A 123 -8.71 16.62 -16.09
CA GLU A 123 -7.63 17.03 -16.96
C GLU A 123 -8.13 17.14 -18.40
N HIS A 124 -7.41 17.91 -19.21
CA HIS A 124 -7.87 18.13 -20.56
C HIS A 124 -6.68 18.07 -21.50
N SER A 125 -6.87 17.43 -22.64
CA SER A 125 -5.82 17.42 -23.64
C SER A 125 -6.47 17.23 -25.00
N LYS A 126 -6.14 18.11 -25.94
CA LYS A 126 -6.47 17.82 -27.32
C LYS A 126 -5.54 16.74 -27.85
N ILE A 127 -6.15 15.79 -28.54
CA ILE A 127 -5.46 14.69 -29.19
C ILE A 127 -6.00 14.70 -30.61
N ASN A 128 -5.16 14.31 -31.54
CA ASN A 128 -5.56 14.30 -32.94
C ASN A 128 -5.87 12.84 -33.26
N PHE A 129 -7.15 12.59 -33.54
CA PHE A 129 -7.61 11.22 -33.75
C PHE A 129 -7.39 10.69 -35.16
N ARG A 130 -6.75 11.48 -36.03
CA ARG A 130 -6.39 11.01 -37.38
C ARG A 130 -5.26 9.98 -37.18
N ASP A 131 -4.36 10.30 -36.25
CA ASP A 131 -3.23 9.47 -35.83
C ASP A 131 -3.70 8.59 -34.67
N LYS A 132 -4.45 7.57 -35.06
CA LYS A 132 -5.02 6.66 -34.08
C LYS A 132 -3.97 5.95 -33.19
N ARG A 133 -2.82 5.52 -33.75
CA ARG A 133 -1.84 4.68 -33.02
C ARG A 133 -1.36 5.46 -31.81
N SER A 134 -1.11 6.74 -32.05
CA SER A 134 -0.68 7.71 -31.05
C SER A 134 -1.82 8.09 -30.10
N ALA A 135 -3.06 8.18 -30.59
CA ALA A 135 -4.19 8.51 -29.71
C ALA A 135 -4.38 7.44 -28.64
N LEU A 136 -4.38 6.16 -29.03
CA LEU A 136 -4.46 5.08 -28.05
C LEU A 136 -3.30 5.12 -27.07
N GLN A 137 -2.10 5.46 -27.57
CA GLN A 137 -0.93 5.56 -26.71
C GLN A 137 -1.10 6.64 -25.65
N SER A 138 -1.64 7.80 -26.03
CA SER A 138 -1.85 8.85 -25.05
C SER A 138 -2.81 8.38 -23.96
N ILE A 139 -3.95 7.82 -24.37
CA ILE A 139 -4.94 7.37 -23.40
C ILE A 139 -4.38 6.25 -22.52
N ASN A 140 -3.78 5.22 -23.14
CA ASN A 140 -3.34 4.07 -22.36
C ASN A 140 -2.19 4.42 -21.43
N GLU A 141 -1.24 5.24 -21.88
CA GLU A 141 -0.13 5.62 -21.01
C GLU A 141 -0.61 6.48 -19.86
N TRP A 142 -1.56 7.38 -20.12
CA TRP A 142 -2.09 8.20 -19.05
C TRP A 142 -2.78 7.35 -18.00
N ALA A 143 -3.55 6.34 -18.43
CA ALA A 143 -4.24 5.47 -17.48
C ALA A 143 -3.27 4.61 -16.68
N ALA A 144 -2.23 4.09 -17.34
CA ALA A 144 -1.22 3.30 -16.64
C ALA A 144 -0.52 4.12 -15.59
N GLN A 145 -0.16 5.36 -15.92
CA GLN A 145 0.52 6.24 -14.97
C GLN A 145 -0.40 6.61 -13.81
N THR A 146 -1.68 6.86 -14.13
CA THR A 146 -2.67 7.18 -13.11
C THR A 146 -2.78 6.08 -12.07
N THR A 147 -2.64 4.82 -12.49
CA THR A 147 -2.82 3.67 -11.63
C THR A 147 -1.51 2.96 -11.32
N ASP A 148 -0.38 3.61 -11.62
CA ASP A 148 0.95 3.04 -11.39
C ASP A 148 1.06 1.62 -11.91
N GLY A 149 0.55 1.42 -13.13
CA GLY A 149 0.70 0.16 -13.81
C GLY A 149 -0.38 -0.85 -13.52
N LYS A 150 -1.31 -0.56 -12.61
CA LYS A 150 -2.35 -1.54 -12.31
C LYS A 150 -3.34 -1.66 -13.46
N LEU A 151 -3.48 -0.61 -14.27
CA LEU A 151 -4.34 -0.58 -15.44
C LEU A 151 -3.46 -0.26 -16.63
N PRO A 152 -2.80 -1.26 -17.21
CA PRO A 152 -1.80 -0.95 -18.25
C PRO A 152 -2.39 -0.56 -19.59
N GLU A 153 -3.61 -0.96 -19.93
CA GLU A 153 -4.15 -0.45 -21.19
C GLU A 153 -5.66 -0.46 -21.00
N VAL A 154 -6.30 0.66 -21.27
CA VAL A 154 -7.74 0.76 -21.08
C VAL A 154 -8.52 0.26 -22.28
N THR A 155 -8.11 0.58 -23.49
CA THR A 155 -8.86 0.14 -24.65
C THR A 155 -7.92 -0.14 -25.81
N LYS A 156 -8.35 -1.04 -26.70
CA LYS A 156 -7.60 -1.40 -27.89
C LYS A 156 -8.07 -0.65 -29.13
N ASP A 157 -9.17 0.10 -29.04
CA ASP A 157 -9.72 0.78 -30.21
C ASP A 157 -10.68 1.87 -29.75
N VAL A 158 -10.71 2.97 -30.50
CA VAL A 158 -11.67 4.04 -30.31
C VAL A 158 -12.52 4.10 -31.57
N GLU A 159 -13.81 3.78 -31.44
CA GLU A 159 -14.68 3.64 -32.61
C GLU A 159 -15.08 5.01 -33.17
N ARG A 160 -15.67 5.85 -32.33
CA ARG A 160 -16.13 7.18 -32.75
C ARG A 160 -15.03 8.18 -32.39
N THR A 161 -14.43 8.78 -33.40
CA THR A 161 -13.24 9.61 -33.25
C THR A 161 -13.47 11.09 -33.57
N ASP A 162 -14.72 11.52 -33.72
CA ASP A 162 -15.01 12.90 -34.06
C ASP A 162 -15.59 13.70 -32.88
N GLY A 163 -15.56 13.14 -31.69
CA GLY A 163 -16.09 13.84 -30.53
C GLY A 163 -15.16 13.80 -29.33
N ALA A 164 -15.68 14.14 -28.16
CA ALA A 164 -14.91 14.10 -26.92
C ALA A 164 -14.94 12.71 -26.31
N LEU A 165 -13.81 12.31 -25.72
CA LEU A 165 -13.70 11.07 -24.96
C LEU A 165 -13.44 11.40 -23.50
N LEU A 166 -14.36 11.02 -22.63
CA LEU A 166 -14.14 11.16 -21.19
C LEU A 166 -13.58 9.83 -20.68
N VAL A 167 -12.40 9.86 -20.06
CA VAL A 167 -11.73 8.65 -19.59
C VAL A 167 -11.52 8.76 -18.08
N ASN A 168 -12.06 7.80 -17.34
CA ASN A 168 -11.79 7.68 -15.92
C ASN A 168 -11.02 6.38 -15.69
N ALA A 169 -9.87 6.49 -15.03
CA ALA A 169 -9.01 5.35 -14.75
C ALA A 169 -8.83 5.25 -13.24
N MET A 170 -9.01 4.05 -12.69
CA MET A 170 -9.13 3.85 -11.25
C MET A 170 -8.39 2.61 -10.82
N PHE A 171 -7.84 2.66 -9.61
CA PHE A 171 -7.33 1.49 -8.92
C PHE A 171 -7.93 1.50 -7.52
N PHE A 172 -8.53 0.38 -7.13
CA PHE A 172 -9.19 0.27 -5.85
C PHE A 172 -8.84 -1.07 -5.21
N LYS A 173 -8.35 -1.01 -3.97
CA LYS A 173 -7.95 -2.21 -3.23
C LYS A 173 -8.52 -2.08 -1.83
N PRO A 174 -9.62 -2.75 -1.53
CA PRO A 174 -10.18 -2.71 -0.17
C PRO A 174 -9.17 -3.24 0.84
N HIS A 175 -9.07 -2.53 1.96
CA HIS A 175 -8.19 -2.87 3.07
C HIS A 175 -9.08 -3.35 4.21
N TRP A 176 -8.97 -4.62 4.59
CA TRP A 176 -9.92 -5.21 5.54
C TRP A 176 -9.74 -4.63 6.94
N ASP A 177 -10.84 -4.55 7.69
CA ASP A 177 -10.68 -4.20 9.10
C ASP A 177 -9.88 -5.28 9.84
N GLU A 178 -10.01 -6.54 9.44
CA GLU A 178 -9.25 -7.64 10.04
C GLU A 178 -8.56 -8.37 8.89
N LYS A 179 -7.23 -8.25 8.81
CA LYS A 179 -6.48 -8.75 7.67
C LYS A 179 -6.59 -10.27 7.55
N PHE A 180 -6.45 -10.76 6.31
CA PHE A 180 -6.22 -12.17 6.08
C PHE A 180 -4.76 -12.47 6.35
N HIS A 181 -4.48 -13.69 6.78
CA HIS A 181 -3.09 -14.10 6.95
C HIS A 181 -2.43 -14.27 5.58
N HIS A 182 -1.25 -13.68 5.39
CA HIS A 182 -0.65 -13.71 4.06
C HIS A 182 -0.33 -15.13 3.57
N LYS A 183 -0.25 -16.11 4.45
CA LYS A 183 0.00 -17.48 3.99
C LYS A 183 -1.28 -18.26 3.73
N MET A 184 -2.45 -17.70 4.00
CA MET A 184 -3.69 -18.46 3.80
C MET A 184 -4.22 -18.28 2.38
N VAL A 185 -3.39 -18.74 1.44
CA VAL A 185 -3.62 -18.65 0.00
C VAL A 185 -3.27 -20.00 -0.61
N ASP A 186 -4.06 -20.45 -1.58
CA ASP A 186 -3.78 -21.69 -2.30
C ASP A 186 -4.50 -21.62 -3.65
N ASN A 187 -4.38 -22.68 -4.44
CA ASN A 187 -4.90 -22.68 -5.81
C ASN A 187 -6.13 -23.58 -5.94
N ARG A 188 -7.21 -23.03 -6.45
CA ARG A 188 -8.44 -23.80 -6.61
C ARG A 188 -9.13 -23.36 -7.89
N GLY A 189 -10.13 -24.13 -8.30
CA GLY A 189 -10.93 -23.78 -9.48
C GLY A 189 -12.08 -22.83 -9.16
N PHE A 190 -12.29 -21.87 -10.06
CA PHE A 190 -13.44 -20.98 -10.07
C PHE A 190 -14.33 -21.38 -11.21
N MET A 191 -15.58 -21.72 -10.90
CA MET A 191 -16.49 -22.23 -11.92
C MET A 191 -17.24 -21.03 -12.52
N VAL A 192 -16.82 -20.65 -13.73
CA VAL A 192 -17.50 -19.60 -14.47
C VAL A 192 -18.89 -20.08 -14.87
N THR A 193 -18.99 -21.29 -15.40
CA THR A 193 -20.24 -22.02 -15.61
C THR A 193 -20.01 -23.43 -15.08
N ARG A 194 -20.98 -24.31 -15.32
CA ARG A 194 -20.90 -25.73 -14.88
C ARG A 194 -19.97 -26.52 -15.80
N SER A 195 -19.48 -25.89 -16.89
CA SER A 195 -18.60 -26.59 -17.80
C SER A 195 -17.30 -25.86 -18.07
N TYR A 196 -17.10 -24.69 -17.49
CA TYR A 196 -15.88 -23.92 -17.68
C TYR A 196 -15.35 -23.49 -16.32
N THR A 197 -14.16 -23.97 -15.98
CA THR A 197 -13.49 -23.62 -14.73
C THR A 197 -12.18 -22.93 -15.04
N VAL A 198 -11.85 -21.89 -14.26
CA VAL A 198 -10.60 -21.17 -14.38
C VAL A 198 -9.80 -21.37 -13.09
N GLY A 199 -8.52 -21.72 -13.22
CA GLY A 199 -7.68 -21.87 -12.04
C GLY A 199 -7.32 -20.52 -11.42
N VAL A 200 -7.62 -20.32 -10.13
CA VAL A 200 -7.37 -19.07 -9.45
C VAL A 200 -6.58 -19.33 -8.17
N THR A 201 -6.04 -18.25 -7.61
CA THR A 201 -5.55 -18.23 -6.24
C THR A 201 -6.70 -17.80 -5.35
N MET A 202 -6.91 -18.52 -4.25
CA MET A 202 -7.94 -18.17 -3.29
C MET A 202 -7.30 -17.82 -1.94
N MET A 203 -7.89 -16.84 -1.26
CA MET A 203 -7.46 -16.44 0.08
C MET A 203 -8.59 -16.73 1.05
N HIS A 204 -8.22 -17.00 2.30
CA HIS A 204 -9.17 -17.59 3.25
C HIS A 204 -9.02 -16.94 4.62
N ARG A 205 -10.14 -16.72 5.29
CA ARG A 205 -10.07 -16.31 6.67
C ARG A 205 -11.35 -16.75 7.37
N THR A 206 -11.22 -17.23 8.60
CA THR A 206 -12.38 -17.48 9.45
C THR A 206 -12.44 -16.39 10.53
N GLY A 207 -13.61 -15.81 10.72
CA GLY A 207 -13.79 -14.77 11.71
C GLY A 207 -15.27 -14.56 12.00
N LEU A 208 -15.56 -13.53 12.79
CA LEU A 208 -16.94 -13.17 13.09
C LEU A 208 -17.39 -12.13 12.07
N TYR A 209 -18.40 -12.46 11.27
CA TYR A 209 -18.88 -11.58 10.23
C TYR A 209 -20.39 -11.55 10.24
N ASN A 210 -20.98 -10.39 9.95
CA ASN A 210 -22.42 -10.34 9.73
C ASN A 210 -22.81 -11.18 8.52
N TYR A 211 -23.83 -12.02 8.67
CA TYR A 211 -24.06 -13.10 7.71
C TYR A 211 -25.54 -13.41 7.64
N TYR A 212 -26.00 -13.79 6.44
CA TYR A 212 -27.36 -14.28 6.29
C TYR A 212 -27.42 -15.25 5.13
N ASP A 213 -28.05 -16.41 5.36
CA ASP A 213 -28.33 -17.40 4.35
C ASP A 213 -29.84 -17.38 4.07
N ASP A 214 -30.21 -17.02 2.84
CA ASP A 214 -31.62 -16.92 2.45
C ASP A 214 -31.96 -18.23 1.76
N GLU A 215 -32.51 -19.18 2.52
CA GLU A 215 -32.77 -20.50 1.95
C GLU A 215 -33.84 -20.45 0.89
N LYS A 216 -34.74 -19.47 0.97
CA LYS A 216 -35.88 -19.41 0.07
C LYS A 216 -35.47 -18.87 -1.30
N GLU A 217 -34.58 -17.88 -1.33
CA GLU A 217 -34.04 -17.38 -2.59
C GLU A 217 -32.66 -17.98 -2.90
N LYS A 218 -32.25 -19.00 -2.14
CA LYS A 218 -30.98 -19.70 -2.32
C LYS A 218 -29.81 -18.77 -2.63
N LEU A 219 -29.44 -17.97 -1.64
CA LEU A 219 -28.30 -17.08 -1.75
C LEU A 219 -27.73 -16.85 -0.36
N GLN A 220 -26.44 -16.53 -0.31
CA GLN A 220 -25.78 -16.06 0.89
C GLN A 220 -25.39 -14.61 0.74
N ILE A 221 -25.35 -13.91 1.87
CA ILE A 221 -24.91 -12.53 1.93
C ILE A 221 -23.99 -12.36 3.14
N VAL A 222 -22.83 -11.72 2.94
CA VAL A 222 -21.87 -11.54 4.02
C VAL A 222 -21.33 -10.12 3.99
N GLU A 223 -21.05 -9.58 5.19
CA GLU A 223 -20.53 -8.22 5.32
C GLU A 223 -19.09 -8.25 5.82
N MET A 224 -18.17 -7.65 5.05
CA MET A 224 -16.77 -7.57 5.42
C MET A 224 -16.37 -6.13 5.71
N PRO A 225 -16.25 -5.73 6.98
CA PRO A 225 -15.87 -4.35 7.28
C PRO A 225 -14.50 -4.00 6.72
N LEU A 226 -14.39 -2.80 6.16
CA LEU A 226 -13.10 -2.30 5.69
C LEU A 226 -12.42 -1.54 6.84
N ALA A 227 -11.19 -1.09 6.58
CA ALA A 227 -10.36 -0.51 7.63
C ALA A 227 -11.09 0.57 8.40
N HIS A 228 -11.10 0.42 9.73
CA HIS A 228 -11.69 1.37 10.69
C HIS A 228 -13.21 1.47 10.58
N LYS A 229 -13.85 0.51 9.94
CA LYS A 229 -15.32 0.31 9.96
C LYS A 229 -16.12 1.52 9.52
N LEU A 230 -15.64 2.30 8.56
CA LEU A 230 -16.49 3.37 8.04
C LEU A 230 -17.08 3.01 6.68
N SER A 231 -16.79 1.80 6.20
CA SER A 231 -17.48 1.23 5.05
C SER A 231 -17.29 -0.29 5.12
N SER A 232 -18.17 -0.99 4.41
CA SER A 232 -18.17 -2.45 4.39
C SER A 232 -18.29 -2.94 2.95
N LEU A 233 -17.65 -4.08 2.69
CA LEU A 233 -17.79 -4.76 1.42
C LEU A 233 -18.83 -5.86 1.62
N ILE A 234 -19.94 -5.77 0.89
CA ILE A 234 -21.03 -6.74 0.98
C ILE A 234 -20.92 -7.69 -0.21
N ILE A 235 -21.01 -8.99 0.03
CA ILE A 235 -20.95 -9.97 -1.05
C ILE A 235 -22.24 -10.80 -1.08
N LEU A 236 -22.82 -10.94 -2.27
CA LEU A 236 -24.07 -11.67 -2.52
C LEU A 236 -23.81 -12.77 -3.52
N MET A 237 -24.09 -14.01 -3.13
CA MET A 237 -23.74 -15.16 -3.98
C MET A 237 -24.83 -16.21 -3.95
N PRO A 238 -25.28 -16.70 -5.10
CA PRO A 238 -26.28 -17.78 -5.10
C PRO A 238 -25.66 -19.09 -4.64
N HIS A 239 -26.54 -19.98 -4.18
CA HIS A 239 -26.12 -21.31 -3.74
C HIS A 239 -25.50 -22.11 -4.90
N HIS A 240 -26.16 -22.11 -6.05
CA HIS A 240 -25.69 -22.89 -7.18
C HIS A 240 -24.90 -22.02 -8.17
N VAL A 241 -24.21 -22.69 -9.08
CA VAL A 241 -23.50 -22.00 -10.14
C VAL A 241 -24.53 -21.60 -11.20
N GLU A 242 -24.87 -20.32 -11.26
CA GLU A 242 -25.92 -19.93 -12.17
C GLU A 242 -25.66 -18.51 -12.63
N PRO A 243 -26.17 -18.13 -13.80
CA PRO A 243 -26.12 -16.71 -14.21
C PRO A 243 -26.72 -15.84 -13.11
N LEU A 244 -26.15 -14.66 -12.93
CA LEU A 244 -26.56 -13.82 -11.83
C LEU A 244 -27.88 -13.08 -12.09
N GLU A 245 -28.48 -13.26 -13.27
CA GLU A 245 -29.73 -12.57 -13.60
C GLU A 245 -30.77 -12.72 -12.50
N ARG A 246 -30.98 -13.95 -12.01
CA ARG A 246 -32.03 -14.16 -11.00
C ARG A 246 -31.77 -13.33 -9.74
N LEU A 247 -30.53 -13.37 -9.23
CA LEU A 247 -30.19 -12.57 -8.06
C LEU A 247 -30.30 -11.08 -8.32
N GLU A 248 -29.92 -10.65 -9.53
CA GLU A 248 -29.96 -9.23 -9.86
C GLU A 248 -31.39 -8.70 -9.87
N LYS A 249 -32.37 -9.54 -10.21
CA LYS A 249 -33.76 -9.10 -10.11
C LYS A 249 -34.15 -8.85 -8.65
N LEU A 250 -33.54 -9.57 -7.71
CA LEU A 250 -33.89 -9.38 -6.30
C LEU A 250 -33.23 -8.17 -5.69
N LEU A 251 -32.08 -7.77 -6.23
CA LEU A 251 -31.24 -6.75 -5.62
C LEU A 251 -31.86 -5.37 -5.78
N THR A 252 -32.16 -4.73 -4.66
CA THR A 252 -32.58 -3.34 -4.61
C THR A 252 -32.07 -2.75 -3.31
N LYS A 253 -32.11 -1.41 -3.20
CA LYS A 253 -31.73 -0.77 -1.95
C LYS A 253 -32.64 -1.21 -0.81
N GLU A 254 -33.94 -1.33 -1.09
CA GLU A 254 -34.90 -1.81 -0.11
C GLU A 254 -34.61 -3.26 0.30
N GLN A 255 -34.47 -4.17 -0.68
CA GLN A 255 -34.21 -5.58 -0.38
C GLN A 255 -32.90 -5.74 0.37
N LEU A 256 -31.88 -4.96 0.02
CA LEU A 256 -30.62 -5.00 0.76
C LEU A 256 -30.85 -4.66 2.24
N LYS A 257 -31.66 -3.64 2.50
CA LYS A 257 -31.93 -3.26 3.88
C LYS A 257 -32.61 -4.39 4.63
N ILE A 258 -33.50 -5.11 3.95
CA ILE A 258 -34.13 -6.28 4.57
C ILE A 258 -33.07 -7.32 4.88
N TRP A 259 -32.22 -7.62 3.89
CA TRP A 259 -31.20 -8.66 4.08
C TRP A 259 -30.28 -8.32 5.25
N MET A 260 -29.78 -7.09 5.28
CA MET A 260 -28.87 -6.68 6.34
C MET A 260 -29.54 -6.72 7.70
N GLY A 261 -30.84 -6.44 7.77
CA GLY A 261 -31.54 -6.55 9.03
C GLY A 261 -31.68 -7.98 9.50
N LYS A 262 -31.62 -8.95 8.58
CA LYS A 262 -31.68 -10.36 8.93
C LYS A 262 -30.31 -10.93 9.27
N MET A 263 -29.24 -10.20 8.99
CA MET A 263 -27.89 -10.66 9.29
C MET A 263 -27.66 -10.82 10.78
N GLN A 264 -26.83 -11.80 11.13
CA GLN A 264 -26.34 -11.99 12.48
C GLN A 264 -24.83 -12.17 12.44
N LYS A 265 -24.15 -11.70 13.47
CA LYS A 265 -22.70 -11.87 13.53
C LYS A 265 -22.41 -13.32 13.90
N LYS A 266 -21.77 -14.06 12.98
CA LYS A 266 -21.50 -15.48 13.17
C LYS A 266 -20.09 -15.82 12.71
N ALA A 267 -19.61 -16.99 13.15
CA ALA A 267 -18.34 -17.50 12.62
C ALA A 267 -18.53 -17.89 11.16
N VAL A 268 -17.74 -17.29 10.27
CA VAL A 268 -17.84 -17.57 8.84
C VAL A 268 -16.44 -17.79 8.29
N ALA A 269 -16.25 -18.84 7.51
CA ALA A 269 -15.02 -19.07 6.77
C ALA A 269 -15.21 -18.54 5.36
N ILE A 270 -14.57 -17.40 5.07
CA ILE A 270 -14.70 -16.70 3.80
C ILE A 270 -13.56 -17.12 2.92
N SER A 271 -13.87 -17.55 1.70
CA SER A 271 -12.87 -17.89 0.71
C SER A 271 -13.14 -17.05 -0.51
N LEU A 272 -12.16 -16.26 -0.92
CA LEU A 272 -12.35 -15.35 -2.04
C LEU A 272 -11.22 -15.54 -3.06
N PRO A 273 -11.50 -15.33 -4.35
CA PRO A 273 -10.40 -15.24 -5.33
C PRO A 273 -9.49 -14.07 -4.98
N LYS A 274 -8.19 -14.27 -5.13
CA LYS A 274 -7.21 -13.26 -4.82
C LYS A 274 -6.58 -12.78 -6.11
N GLY A 275 -6.50 -11.47 -6.30
CA GLY A 275 -5.88 -10.96 -7.51
C GLY A 275 -6.57 -9.72 -8.05
N VAL A 276 -6.08 -9.24 -9.19
CA VAL A 276 -6.60 -8.01 -9.78
C VAL A 276 -7.61 -8.34 -10.85
N VAL A 277 -8.77 -7.69 -10.78
CA VAL A 277 -9.79 -7.75 -11.82
C VAL A 277 -9.74 -6.41 -12.55
N GLU A 278 -9.53 -6.44 -13.87
CA GLU A 278 -9.49 -5.25 -14.71
C GLU A 278 -10.69 -5.24 -15.64
N VAL A 279 -11.43 -4.13 -15.66
CA VAL A 279 -12.57 -3.97 -16.55
C VAL A 279 -12.58 -2.57 -17.13
N THR A 280 -12.83 -2.44 -18.43
CA THR A 280 -13.11 -1.16 -19.05
C THR A 280 -14.53 -1.19 -19.58
N HIS A 281 -15.37 -0.27 -19.12
CA HIS A 281 -16.71 -0.06 -19.65
C HIS A 281 -16.72 1.25 -20.44
N ASP A 282 -17.37 1.24 -21.60
CA ASP A 282 -17.77 2.48 -22.25
C ASP A 282 -19.22 2.68 -21.87
N LEU A 283 -19.48 3.67 -21.02
CA LEU A 283 -20.83 3.90 -20.49
C LEU A 283 -21.74 4.66 -21.45
N GLN A 284 -21.20 5.08 -22.60
CA GLN A 284 -21.92 5.95 -23.49
C GLN A 284 -23.33 5.42 -23.77
N LYS A 285 -23.42 4.20 -24.28
CA LYS A 285 -24.73 3.75 -24.72
C LYS A 285 -25.66 3.61 -23.51
N HIS A 286 -25.12 3.11 -22.37
CA HIS A 286 -25.94 2.83 -21.20
C HIS A 286 -26.47 4.12 -20.56
N LEU A 287 -25.64 5.16 -20.50
CA LEU A 287 -26.12 6.46 -20.05
C LEU A 287 -27.20 6.98 -20.99
N ALA A 288 -27.00 6.80 -22.30
CA ALA A 288 -28.02 7.22 -23.25
C ALA A 288 -29.32 6.46 -23.02
N GLY A 289 -29.22 5.15 -22.76
CA GLY A 289 -30.40 4.37 -22.46
C GLY A 289 -31.10 4.82 -21.21
N LEU A 290 -30.37 5.43 -20.27
CA LEU A 290 -30.94 5.98 -19.06
C LEU A 290 -31.47 7.40 -19.25
N GLY A 291 -31.27 8.00 -20.42
CA GLY A 291 -31.86 9.31 -20.69
C GLY A 291 -30.91 10.36 -21.21
N LEU A 292 -29.61 10.05 -21.29
CA LEU A 292 -28.63 11.01 -21.80
C LEU A 292 -28.54 10.90 -23.33
N THR A 293 -29.65 11.21 -24.00
CA THR A 293 -29.70 10.94 -25.43
C THR A 293 -29.01 12.02 -26.25
N GLU A 294 -29.09 13.28 -25.86
CA GLU A 294 -28.61 14.30 -26.77
C GLU A 294 -27.10 14.52 -26.65
N ALA A 295 -26.52 14.39 -25.45
CA ALA A 295 -25.08 14.62 -25.29
C ALA A 295 -24.25 13.72 -26.19
N ILE A 296 -24.73 12.50 -26.43
CA ILE A 296 -23.95 11.50 -27.13
C ILE A 296 -24.25 11.51 -28.62
N ASP A 297 -25.04 12.47 -29.06
CA ASP A 297 -25.55 12.54 -30.43
C ASP A 297 -24.80 13.64 -31.20
N LYS A 298 -24.04 13.23 -32.21
CA LYS A 298 -23.28 14.18 -33.04
C LYS A 298 -24.17 15.33 -33.53
N ASN A 299 -25.43 15.05 -33.84
CA ASN A 299 -26.32 16.06 -34.41
C ASN A 299 -27.12 16.86 -33.38
N LYS A 300 -27.18 16.46 -32.09
CA LYS A 300 -27.97 17.18 -31.08
C LYS A 300 -27.11 17.86 -30.03
N ALA A 301 -25.96 17.31 -29.69
CA ALA A 301 -25.29 17.70 -28.46
C ALA A 301 -25.03 19.20 -28.46
N ASP A 302 -25.28 19.83 -27.32
CA ASP A 302 -24.88 21.21 -27.10
C ASP A 302 -23.89 21.19 -25.94
N LEU A 303 -22.61 21.10 -26.27
CA LEU A 303 -21.51 21.21 -25.32
C LEU A 303 -20.69 22.47 -25.58
N SER A 304 -21.36 23.57 -25.91
CA SER A 304 -20.62 24.77 -26.28
C SER A 304 -20.05 25.52 -25.09
N ARG A 305 -20.35 25.14 -23.85
CA ARG A 305 -19.60 25.71 -22.75
C ARG A 305 -18.23 25.07 -22.65
N MET A 306 -18.11 23.84 -23.15
CA MET A 306 -16.83 23.15 -23.17
C MET A 306 -15.87 23.80 -24.16
N SER A 307 -16.39 24.19 -25.33
CA SER A 307 -15.55 24.53 -26.47
C SER A 307 -15.95 25.81 -27.20
N GLY A 308 -17.09 26.42 -26.90
CA GLY A 308 -17.54 27.57 -27.66
C GLY A 308 -18.31 27.26 -28.93
N LYS A 309 -17.91 26.19 -29.61
CA LYS A 309 -18.56 25.68 -30.81
C LYS A 309 -19.55 24.58 -30.44
N LYS A 310 -20.19 24.00 -31.45
CA LYS A 310 -21.28 23.04 -31.20
C LYS A 310 -21.29 21.94 -32.26
N ASP A 311 -20.13 21.33 -32.51
CA ASP A 311 -20.07 20.04 -33.20
C ASP A 311 -19.51 18.96 -32.30
N LEU A 312 -19.14 19.31 -31.08
CA LEU A 312 -18.61 18.36 -30.11
C LEU A 312 -19.74 17.59 -29.47
N TYR A 313 -19.55 16.28 -29.35
CA TYR A 313 -20.48 15.40 -28.65
C TYR A 313 -19.68 14.39 -27.84
N LEU A 314 -20.37 13.76 -26.91
CA LEU A 314 -19.75 12.78 -26.02
C LEU A 314 -19.68 11.46 -26.77
N ALA A 315 -18.50 11.13 -27.31
CA ALA A 315 -18.32 9.91 -28.09
C ALA A 315 -18.18 8.68 -27.20
N SER A 316 -17.46 8.82 -26.08
CA SER A 316 -17.21 7.71 -25.16
C SER A 316 -17.15 8.24 -23.75
N VAL A 317 -17.59 7.41 -22.80
CA VAL A 317 -17.38 7.63 -21.37
C VAL A 317 -16.68 6.37 -20.87
N PHE A 318 -15.35 6.35 -20.95
CA PHE A 318 -14.62 5.18 -20.48
C PHE A 318 -14.53 5.16 -18.97
N HIS A 319 -14.92 4.03 -18.37
CA HIS A 319 -14.89 3.82 -16.93
C HIS A 319 -14.04 2.58 -16.72
N ALA A 320 -12.75 2.76 -16.40
CA ALA A 320 -11.80 1.65 -16.38
C ALA A 320 -11.24 1.49 -14.98
N THR A 321 -11.35 0.28 -14.44
CA THR A 321 -11.00 -0.01 -13.05
C THR A 321 -10.15 -1.27 -12.95
N ALA A 322 -9.13 -1.19 -12.10
CA ALA A 322 -8.41 -2.35 -11.57
C ALA A 322 -8.83 -2.48 -10.11
N PHE A 323 -9.55 -3.56 -9.80
CA PHE A 323 -10.03 -3.85 -8.45
C PHE A 323 -9.21 -5.03 -7.94
N GLU A 324 -8.48 -4.83 -6.85
CA GLU A 324 -7.59 -5.88 -6.36
C GLU A 324 -8.11 -6.50 -5.07
N TRP A 325 -8.33 -7.81 -5.10
CA TRP A 325 -8.59 -8.61 -3.91
C TRP A 325 -7.25 -9.08 -3.35
N ASP A 326 -6.94 -8.67 -2.12
CA ASP A 326 -5.67 -8.98 -1.47
C ASP A 326 -5.91 -9.30 -0.01
N THR A 327 -4.89 -9.87 0.65
CA THR A 327 -5.04 -10.24 2.05
C THR A 327 -4.88 -9.07 3.00
N GLU A 328 -4.29 -7.95 2.58
CA GLU A 328 -3.81 -6.96 3.55
C GLU A 328 -4.96 -6.20 4.23
N GLY A 329 -4.73 -5.84 5.48
CA GLY A 329 -5.71 -5.14 6.28
C GLY A 329 -5.12 -4.71 7.60
N ASN A 330 -5.98 -4.29 8.52
CA ASN A 330 -5.47 -3.96 9.85
C ASN A 330 -5.10 -5.25 10.60
N PRO A 331 -4.03 -5.22 11.40
CA PRO A 331 -3.75 -6.36 12.28
C PRO A 331 -4.82 -6.45 13.36
N PHE A 332 -4.89 -7.61 14.02
CA PHE A 332 -5.85 -7.75 15.10
C PHE A 332 -5.29 -8.62 16.22
N ASP A 333 -5.75 -8.32 17.43
CA ASP A 333 -5.23 -8.85 18.69
C ASP A 333 -5.18 -10.37 18.73
N GLN A 334 -4.24 -10.87 19.55
CA GLN A 334 -4.11 -12.25 20.03
C GLN A 334 -5.37 -12.97 19.55
N ASP A 335 -6.45 -12.73 20.27
CA ASP A 335 -7.67 -13.51 20.21
C ASP A 335 -8.79 -12.69 20.82
N ILE A 336 -9.61 -12.07 19.98
CA ILE A 336 -10.80 -11.38 20.45
C ILE A 336 -11.97 -12.34 20.24
N TYR A 337 -11.63 -13.62 20.09
CA TYR A 337 -12.60 -14.68 19.81
C TYR A 337 -12.67 -15.71 20.91
N GLY A 338 -11.55 -16.35 21.25
CA GLY A 338 -11.53 -17.47 22.17
C GLY A 338 -11.39 -18.78 21.41
N ARG A 339 -11.12 -19.84 22.16
CA ARG A 339 -11.12 -21.17 21.59
C ARG A 339 -12.51 -21.56 21.08
N GLU A 340 -13.55 -20.88 21.58
CA GLU A 340 -14.93 -21.30 21.35
C GLU A 340 -15.53 -20.73 20.08
N GLU A 341 -15.26 -19.45 19.77
CA GLU A 341 -16.19 -18.72 18.93
C GLU A 341 -16.11 -19.09 17.45
N LEU A 342 -15.03 -19.70 16.99
CA LEU A 342 -14.84 -19.89 15.56
C LEU A 342 -15.06 -21.33 15.12
N ARG A 343 -15.66 -22.16 15.96
CA ARG A 343 -15.82 -23.56 15.61
C ARG A 343 -17.09 -23.73 14.81
N SER A 344 -17.09 -24.73 13.93
CA SER A 344 -18.19 -24.98 13.02
C SER A 344 -18.63 -23.71 12.29
N PRO A 345 -17.75 -23.08 11.53
CA PRO A 345 -18.13 -21.83 10.88
C PRO A 345 -19.06 -22.14 9.71
N LYS A 346 -19.87 -21.15 9.35
CA LYS A 346 -20.51 -21.19 8.05
C LYS A 346 -19.44 -20.96 6.99
N LEU A 347 -19.62 -21.58 5.83
CA LEU A 347 -18.72 -21.36 4.71
C LEU A 347 -19.32 -20.32 3.78
N PHE A 348 -18.53 -19.30 3.41
CA PHE A 348 -18.87 -18.43 2.28
C PHE A 348 -17.77 -18.66 1.26
N TYR A 349 -18.00 -19.63 0.38
CA TYR A 349 -16.98 -20.19 -0.50
C TYR A 349 -17.19 -19.64 -1.90
N ALA A 350 -16.50 -18.56 -2.23
CA ALA A 350 -16.81 -17.82 -3.45
C ALA A 350 -16.00 -18.35 -4.64
N ASP A 351 -16.33 -19.58 -5.05
CA ASP A 351 -15.72 -20.19 -6.24
C ASP A 351 -16.66 -20.17 -7.45
N HIS A 352 -17.62 -19.24 -7.47
CA HIS A 352 -18.48 -19.06 -8.63
C HIS A 352 -19.02 -17.64 -8.58
N PRO A 353 -19.64 -17.16 -9.68
CA PRO A 353 -19.92 -15.71 -9.80
C PRO A 353 -20.75 -15.15 -8.65
N PHE A 354 -20.43 -13.91 -8.28
CA PHE A 354 -21.10 -13.22 -7.20
C PHE A 354 -21.18 -11.75 -7.51
N ILE A 355 -22.06 -11.05 -6.78
CA ILE A 355 -22.20 -9.60 -6.82
C ILE A 355 -21.51 -9.03 -5.58
N PHE A 356 -20.88 -7.86 -5.71
CA PHE A 356 -20.32 -7.24 -4.52
C PHE A 356 -20.55 -5.73 -4.57
N LEU A 357 -20.56 -5.13 -3.38
CA LEU A 357 -20.68 -3.68 -3.32
C LEU A 357 -19.98 -3.18 -2.07
N VAL A 358 -19.59 -1.92 -2.11
CA VAL A 358 -19.02 -1.24 -0.95
C VAL A 358 -20.04 -0.22 -0.49
N ARG A 359 -20.42 -0.31 0.77
CA ARG A 359 -21.41 0.61 1.31
C ARG A 359 -20.78 1.41 2.44
N ASP A 360 -21.24 2.65 2.51
CA ASP A 360 -20.87 3.53 3.59
C ASP A 360 -21.65 3.10 4.83
N THR A 361 -20.96 2.82 5.92
CA THR A 361 -21.67 2.28 7.09
C THR A 361 -22.64 3.31 7.70
N GLN A 362 -22.28 4.59 7.61
CA GLN A 362 -23.08 5.70 8.21
C GLN A 362 -24.37 5.96 7.42
N SER A 363 -24.24 6.37 6.15
CA SER A 363 -25.43 6.74 5.33
C SER A 363 -25.93 5.58 4.46
N GLY A 364 -25.44 4.35 4.66
CA GLY A 364 -25.91 3.28 3.83
C GLY A 364 -25.74 3.53 2.35
N SER A 365 -25.05 4.61 1.97
CA SER A 365 -24.96 4.98 0.56
C SER A 365 -23.92 4.11 -0.15
N LEU A 366 -24.28 3.70 -1.35
CA LEU A 366 -23.40 2.89 -2.19
C LEU A 366 -22.13 3.67 -2.51
N LEU A 367 -21.00 2.97 -2.49
CA LEU A 367 -19.71 3.57 -2.77
C LEU A 367 -18.93 2.82 -3.83
N PHE A 368 -19.42 1.66 -4.25
CA PHE A 368 -18.86 0.84 -5.31
C PHE A 368 -19.83 -0.32 -5.53
N ILE A 369 -19.99 -0.75 -6.78
CA ILE A 369 -20.84 -1.91 -7.07
C ILE A 369 -20.25 -2.65 -8.26
N GLY A 370 -20.31 -3.97 -8.19
CA GLY A 370 -19.81 -4.77 -9.30
C GLY A 370 -20.22 -6.22 -9.18
N ARG A 371 -19.72 -7.02 -10.10
CA ARG A 371 -19.89 -8.46 -10.04
C ARG A 371 -18.66 -9.11 -10.67
N LEU A 372 -18.31 -10.30 -10.18
CA LEU A 372 -17.22 -11.09 -10.72
C LEU A 372 -17.82 -12.32 -11.38
N VAL A 373 -17.63 -12.44 -12.70
CA VAL A 373 -18.20 -13.54 -13.45
C VAL A 373 -17.10 -14.41 -14.05
N ARG A 374 -15.97 -13.81 -14.37
CA ARG A 374 -14.89 -14.53 -15.04
C ARG A 374 -13.60 -13.91 -14.57
N PRO A 375 -12.91 -14.54 -13.62
CA PRO A 375 -11.60 -14.03 -13.20
C PRO A 375 -10.53 -14.36 -14.23
N LYS A 376 -9.44 -13.62 -14.12
CA LYS A 376 -8.22 -13.89 -14.88
C LYS A 376 -7.48 -15.08 -14.26
N GLY A 377 -6.82 -15.86 -15.10
CA GLY A 377 -6.04 -16.97 -14.58
C GLY A 377 -5.39 -17.74 -15.71
N ASP A 378 -4.32 -18.44 -15.36
CA ASP A 378 -3.52 -19.19 -16.32
C ASP A 378 -4.06 -20.60 -16.55
N MET B 1 0.09 15.49 15.62
CA MET B 1 1.07 16.24 16.38
C MET B 1 1.32 15.62 17.76
N LEU B 2 2.60 15.50 18.11
CA LEU B 2 2.97 14.88 19.38
C LEU B 2 2.58 15.77 20.55
N SER B 3 2.07 15.15 21.62
CA SER B 3 1.91 15.85 22.89
C SER B 3 3.29 16.37 23.35
N PRO B 4 3.31 17.34 24.26
CA PRO B 4 4.61 17.81 24.78
C PRO B 4 5.40 16.70 25.47
N LYS B 5 4.73 15.75 26.13
CA LYS B 5 5.42 14.62 26.72
C LYS B 5 6.07 13.74 25.64
N ALA B 6 5.33 13.44 24.58
CA ALA B 6 5.89 12.59 23.52
C ALA B 6 7.05 13.28 22.79
N ALA B 7 6.96 14.60 22.57
CA ALA B 7 8.05 15.32 21.92
C ALA B 7 9.32 15.33 22.77
N THR B 8 9.17 15.37 24.10
CA THR B 8 10.32 15.19 24.99
C THR B 8 10.91 13.78 24.84
N LEU B 9 10.05 12.75 24.79
CA LEU B 9 10.57 11.40 24.60
C LEU B 9 11.02 11.13 23.15
N ALA B 10 10.40 11.77 22.15
CA ALA B 10 10.88 11.61 20.78
C ALA B 10 12.29 12.14 20.66
N GLU B 11 12.58 13.19 21.39
CA GLU B 11 13.92 13.76 21.40
C GLU B 11 14.91 12.81 22.07
N ARG B 12 14.57 12.26 23.24
CA ARG B 12 15.43 11.28 23.90
C ARG B 12 15.73 10.10 22.97
N SER B 13 14.70 9.61 22.28
CA SER B 13 14.90 8.52 21.32
C SER B 13 15.89 8.91 20.23
N ALA B 14 15.82 10.16 19.75
CA ALA B 14 16.69 10.59 18.66
C ALA B 14 18.16 10.65 19.09
N GLY B 15 18.45 11.24 20.26
CA GLY B 15 19.83 11.28 20.73
C GLY B 15 20.45 9.90 20.84
N LEU B 16 19.66 8.91 21.26
CA LEU B 16 20.14 7.55 21.35
C LEU B 16 20.40 6.96 19.95
N ALA B 17 19.55 7.31 18.98
CA ALA B 17 19.73 6.75 17.64
C ALA B 17 21.07 7.13 17.04
N PHE B 18 21.56 8.34 17.29
CA PHE B 18 22.88 8.71 16.80
C PHE B 18 23.96 7.87 17.49
N SER B 19 23.90 7.77 18.82
CA SER B 19 24.90 7.02 19.56
C SER B 19 24.95 5.57 19.10
N LEU B 20 23.79 4.95 18.90
CA LEU B 20 23.73 3.56 18.49
C LEU B 20 24.24 3.37 17.06
N TYR B 21 23.83 4.24 16.14
CA TYR B 21 24.36 4.17 14.78
C TYR B 21 25.88 4.22 14.78
N GLN B 22 26.45 5.21 15.48
CA GLN B 22 27.90 5.35 15.47
C GLN B 22 28.57 4.11 16.04
N ALA B 23 28.04 3.55 17.13
CA ALA B 23 28.61 2.34 17.68
C ALA B 23 28.55 1.21 16.66
N MET B 24 27.42 1.06 15.96
CA MET B 24 27.34 -0.04 15.03
C MET B 24 28.19 0.21 13.80
N ALA B 25 28.35 1.47 13.38
CA ALA B 25 29.18 1.75 12.21
C ALA B 25 30.63 1.41 12.47
N LYS B 26 31.09 1.51 13.71
CA LYS B 26 32.47 1.17 14.02
C LYS B 26 32.70 -0.32 14.03
N ASP B 27 31.64 -1.13 13.99
CA ASP B 27 31.76 -2.57 13.94
C ASP B 27 31.99 -3.01 12.51
N GLN B 28 33.08 -3.75 12.28
CA GLN B 28 33.48 -4.12 10.92
C GLN B 28 32.78 -5.37 10.41
N ALA B 29 31.90 -5.96 11.20
CA ALA B 29 31.02 -7.00 10.69
C ALA B 29 29.67 -6.44 10.24
N VAL B 30 29.41 -5.17 10.51
CA VAL B 30 28.15 -4.53 10.15
C VAL B 30 28.30 -3.93 8.76
N GLU B 31 27.37 -4.29 7.86
CA GLU B 31 27.34 -3.71 6.53
C GLU B 31 26.20 -2.70 6.45
N ASN B 32 25.05 -3.14 5.94
CA ASN B 32 23.90 -2.24 5.90
C ASN B 32 23.39 -2.02 7.32
N ILE B 33 22.85 -0.83 7.56
CA ILE B 33 22.29 -0.49 8.85
C ILE B 33 20.85 -0.03 8.63
N LEU B 34 19.94 -0.56 9.45
CA LEU B 34 18.55 -0.11 9.49
C LEU B 34 18.14 0.00 10.95
N LEU B 35 17.83 1.23 11.42
CA LEU B 35 17.49 1.47 12.82
C LEU B 35 16.31 2.41 12.95
N SER B 36 15.36 2.04 13.80
CA SER B 36 14.25 2.92 14.14
C SER B 36 14.44 3.43 15.57
N PRO B 37 14.66 4.74 15.76
CA PRO B 37 14.97 5.24 17.11
C PRO B 37 13.88 4.96 18.10
N VAL B 38 12.62 5.17 17.71
CA VAL B 38 11.55 4.93 18.67
C VAL B 38 11.50 3.46 19.07
N VAL B 39 11.79 2.56 18.13
CA VAL B 39 11.73 1.14 18.48
C VAL B 39 12.86 0.78 19.42
N VAL B 40 14.07 1.31 19.16
CA VAL B 40 15.19 1.04 20.05
C VAL B 40 14.88 1.58 21.43
N ALA B 41 14.35 2.80 21.52
CA ALA B 41 14.05 3.38 22.82
C ALA B 41 13.01 2.54 23.56
N SER B 42 12.02 2.01 22.83
CA SER B 42 11.01 1.20 23.48
C SER B 42 11.61 -0.09 24.03
N SER B 43 12.66 -0.61 23.37
CA SER B 43 13.39 -1.73 23.95
C SER B 43 13.92 -1.36 25.33
N LEU B 44 14.50 -0.17 25.46
CA LEU B 44 15.00 0.23 26.77
C LEU B 44 13.84 0.51 27.73
N GLY B 45 12.74 1.08 27.22
CA GLY B 45 11.59 1.27 28.09
C GLY B 45 11.05 -0.05 28.63
N LEU B 46 11.09 -1.10 27.81
CA LEU B 46 10.64 -2.42 28.27
C LEU B 46 11.54 -2.96 29.38
N VAL B 47 12.85 -2.76 29.25
CA VAL B 47 13.77 -3.18 30.31
C VAL B 47 13.49 -2.40 31.59
N SER B 48 13.25 -1.09 31.47
CA SER B 48 12.90 -0.30 32.65
C SER B 48 11.59 -0.78 33.26
N LEU B 49 10.61 -1.10 32.41
CA LEU B 49 9.32 -1.57 32.88
C LEU B 49 9.42 -2.92 33.56
N GLY B 50 10.29 -3.79 33.05
CA GLY B 50 10.44 -5.12 33.59
C GLY B 50 11.56 -5.32 34.59
N GLY B 51 12.40 -4.32 34.82
CA GLY B 51 13.58 -4.46 35.66
C GLY B 51 13.46 -3.70 36.97
N LYS B 52 14.43 -3.95 37.84
CA LYS B 52 14.53 -3.27 39.12
C LYS B 52 15.97 -2.82 39.35
N ALA B 53 16.13 -1.91 40.32
CA ALA B 53 17.43 -1.44 40.80
C ALA B 53 18.25 -0.95 39.61
N THR B 54 19.52 -1.31 39.50
CA THR B 54 20.38 -0.75 38.47
C THR B 54 20.11 -1.32 37.08
N THR B 55 19.52 -2.52 36.98
CA THR B 55 19.13 -3.01 35.66
C THR B 55 18.19 -2.02 34.98
N ALA B 56 17.21 -1.51 35.73
CA ALA B 56 16.29 -0.53 35.18
C ALA B 56 16.93 0.85 35.11
N SER B 57 17.72 1.21 36.13
CA SER B 57 18.30 2.54 36.17
C SER B 57 19.27 2.75 35.02
N GLN B 58 19.98 1.70 34.60
CA GLN B 58 20.82 1.81 33.41
C GLN B 58 19.98 2.05 32.17
N ALA B 59 18.83 1.37 32.05
CA ALA B 59 18.00 1.54 30.86
C ALA B 59 17.57 2.99 30.71
N LYS B 60 17.13 3.62 31.80
CA LYS B 60 16.78 5.02 31.75
C LYS B 60 18.00 5.89 31.48
N ALA B 61 19.18 5.47 31.95
CA ALA B 61 20.40 6.23 31.69
C ALA B 61 20.75 6.24 30.22
N VAL B 62 20.62 5.08 29.55
CA VAL B 62 20.94 5.01 28.13
C VAL B 62 20.00 5.89 27.33
N LEU B 63 18.77 6.08 27.81
CA LEU B 63 17.80 6.95 27.16
C LEU B 63 17.98 8.42 27.51
N SER B 64 18.94 8.75 28.40
CA SER B 64 19.13 10.11 28.93
C SER B 64 17.85 10.64 29.57
N ALA B 65 17.10 9.75 30.22
CA ALA B 65 15.81 10.07 30.83
C ALA B 65 15.86 10.02 32.36
N GLU B 66 17.03 10.25 32.94
CA GLU B 66 17.19 10.15 34.40
C GLU B 66 16.24 11.07 35.15
N GLN B 67 15.91 12.22 34.57
CA GLN B 67 15.09 13.20 35.28
C GLN B 67 13.63 13.17 34.87
N LEU B 68 13.22 12.18 34.11
CA LEU B 68 11.81 11.91 33.83
C LEU B 68 11.32 10.85 34.79
N ARG B 69 10.08 11.00 35.26
CA ARG B 69 9.46 9.92 36.01
C ARG B 69 9.28 8.69 35.11
N ASP B 70 9.36 7.50 35.72
CA ASP B 70 9.22 6.25 34.97
C ASP B 70 7.97 6.28 34.11
N GLU B 71 6.85 6.68 34.69
CA GLU B 71 5.60 6.67 33.93
C GLU B 71 5.67 7.65 32.77
N GLU B 72 6.48 8.71 32.90
CA GLU B 72 6.61 9.65 31.78
C GLU B 72 7.33 9.00 30.60
N VAL B 73 8.32 8.17 30.88
CA VAL B 73 9.02 7.49 29.80
C VAL B 73 8.07 6.59 29.03
N HIS B 74 7.35 5.71 29.75
CA HIS B 74 6.46 4.75 29.10
C HIS B 74 5.33 5.45 28.37
N ALA B 75 4.77 6.52 28.96
CA ALA B 75 3.71 7.26 28.30
C ALA B 75 4.23 7.97 27.06
N GLY B 76 5.37 8.66 27.19
CA GLY B 76 5.91 9.40 26.05
C GLY B 76 6.34 8.50 24.91
N LEU B 77 6.97 7.36 25.22
CA LEU B 77 7.38 6.45 24.16
C LEU B 77 6.20 5.75 23.52
N GLY B 78 5.21 5.38 24.32
CA GLY B 78 4.05 4.72 23.76
C GLY B 78 3.29 5.59 22.80
N GLU B 79 3.09 6.86 23.16
CA GLU B 79 2.39 7.78 22.27
C GLU B 79 3.14 7.92 20.95
N LEU B 80 4.47 7.97 21.02
CA LEU B 80 5.28 7.95 19.81
C LEU B 80 4.93 6.76 18.93
N LEU B 81 5.04 5.55 19.47
CA LEU B 81 4.81 4.34 18.69
C LEU B 81 3.45 4.38 18.00
N ARG B 82 2.40 4.68 18.75
CA ARG B 82 1.09 4.71 18.13
C ARG B 82 1.00 5.78 17.03
N SER B 83 1.60 6.94 17.27
CA SER B 83 1.49 8.03 16.29
C SER B 83 2.51 7.91 15.15
N LEU B 84 3.78 7.71 15.50
CA LEU B 84 4.89 7.85 14.55
C LEU B 84 4.98 6.71 13.55
N SER B 85 4.45 5.55 13.88
CA SER B 85 4.41 4.44 12.95
C SER B 85 3.04 4.20 12.34
N ASN B 86 2.06 5.05 12.64
CA ASN B 86 0.70 4.82 12.17
C ASN B 86 0.62 5.09 10.67
N SER B 87 0.38 4.05 9.88
CA SER B 87 0.29 4.23 8.44
C SER B 87 -1.04 4.84 8.01
N THR B 88 -1.92 5.16 8.95
CA THR B 88 -3.20 5.77 8.61
C THR B 88 -3.04 7.27 8.32
N ALA B 89 -2.56 8.03 9.31
CA ALA B 89 -2.46 9.48 9.15
C ALA B 89 -1.12 9.91 8.56
N ARG B 90 -0.09 9.08 8.67
CA ARG B 90 1.20 9.38 8.05
C ARG B 90 1.14 9.13 6.54
N ASN B 91 0.26 8.21 6.12
CA ASN B 91 0.17 7.77 4.72
C ASN B 91 1.50 7.19 4.24
N VAL B 92 2.16 6.44 5.12
CA VAL B 92 3.44 5.79 4.85
C VAL B 92 3.38 4.41 5.49
N THR B 93 3.71 3.37 4.72
CA THR B 93 3.50 2.00 5.21
C THR B 93 4.54 1.64 6.27
N TRP B 94 4.09 1.41 7.49
CA TRP B 94 4.96 0.97 8.57
C TRP B 94 4.22 -0.13 9.31
N LYS B 95 4.76 -1.34 9.27
CA LYS B 95 4.22 -2.47 10.00
C LYS B 95 5.25 -2.82 11.06
N LEU B 96 4.82 -2.93 12.30
CA LEU B 96 5.74 -3.15 13.42
C LEU B 96 5.15 -4.19 14.36
N GLY B 97 5.97 -5.17 14.72
CA GLY B 97 5.63 -6.09 15.77
C GLY B 97 6.77 -6.15 16.76
N SER B 98 6.42 -6.33 18.02
CA SER B 98 7.41 -6.49 19.10
C SER B 98 6.95 -7.67 19.93
N ARG B 99 7.82 -8.67 20.10
CA ARG B 99 7.44 -9.85 20.85
C ARG B 99 8.58 -10.27 21.76
N LEU B 100 8.26 -10.50 23.03
CA LEU B 100 9.22 -10.96 24.02
C LEU B 100 9.08 -12.47 24.17
N TYR B 101 10.15 -13.19 23.82
CA TYR B 101 10.20 -14.64 23.96
C TYR B 101 10.93 -15.00 25.24
N GLY B 102 10.30 -15.79 26.09
CA GLY B 102 10.92 -16.24 27.29
C GLY B 102 11.08 -17.75 27.32
N PRO B 103 12.03 -18.22 28.12
CA PRO B 103 12.17 -19.67 28.30
C PRO B 103 10.88 -20.27 28.82
N SER B 104 10.61 -21.52 28.45
CA SER B 104 9.40 -22.20 28.87
C SER B 104 9.30 -22.29 30.39
N SER B 105 10.44 -22.24 31.08
CA SER B 105 10.46 -22.35 32.54
C SER B 105 10.21 -21.01 33.24
N VAL B 106 9.65 -20.02 32.55
CA VAL B 106 9.47 -18.67 33.06
C VAL B 106 8.10 -18.13 32.64
N SER B 107 7.24 -17.83 33.61
CA SER B 107 5.92 -17.26 33.34
C SER B 107 5.97 -15.74 33.48
N PHE B 108 5.61 -15.02 32.42
CA PHE B 108 5.55 -13.57 32.50
C PHE B 108 4.48 -13.14 33.50
N ALA B 109 4.84 -12.25 34.42
CA ALA B 109 3.87 -11.72 35.37
C ALA B 109 2.74 -10.98 34.66
N GLU B 110 1.51 -11.17 35.14
CA GLU B 110 0.34 -10.58 34.48
C GLU B 110 0.34 -9.06 34.53
N ASP B 111 0.98 -8.46 35.54
CA ASP B 111 1.05 -7.00 35.56
C ASP B 111 1.99 -6.50 34.48
N PHE B 112 3.12 -7.18 34.27
CA PHE B 112 4.05 -6.76 33.21
C PHE B 112 3.44 -6.99 31.83
N VAL B 113 2.73 -8.10 31.65
CA VAL B 113 2.10 -8.35 30.35
C VAL B 113 1.11 -7.25 30.02
N ARG B 114 0.28 -6.86 31.00
CA ARG B 114 -0.70 -5.80 30.76
C ARG B 114 -0.03 -4.48 30.47
N SER B 115 0.98 -4.12 31.27
CA SER B 115 1.64 -2.84 31.11
C SER B 115 2.44 -2.78 29.81
N SER B 116 3.18 -3.85 29.51
CA SER B 116 3.99 -3.83 28.29
C SER B 116 3.10 -3.82 27.06
N LYS B 117 1.93 -4.45 27.14
CA LYS B 117 0.94 -4.33 26.08
C LYS B 117 0.40 -2.91 25.98
N GLN B 118 0.07 -2.30 27.13
CA GLN B 118 -0.53 -0.97 27.15
C GLN B 118 0.38 0.07 26.50
N HIS B 119 1.65 0.11 26.92
CA HIS B 119 2.58 1.15 26.49
C HIS B 119 3.29 0.83 25.19
N TYR B 120 3.73 -0.42 25.00
CA TYR B 120 4.58 -0.77 23.87
C TYR B 120 3.97 -1.75 22.89
N ASN B 121 2.71 -2.15 23.06
CA ASN B 121 2.08 -3.16 22.21
C ASN B 121 2.90 -4.44 22.17
N CYS B 122 3.58 -4.74 23.27
CA CYS B 122 4.47 -5.89 23.32
C CYS B 122 3.67 -7.19 23.40
N GLU B 123 4.05 -8.19 22.60
CA GLU B 123 3.50 -9.54 22.65
C GLU B 123 4.43 -10.43 23.47
N HIS B 124 3.89 -11.55 23.95
CA HIS B 124 4.62 -12.46 24.85
C HIS B 124 4.44 -13.91 24.44
N SER B 125 5.51 -14.69 24.52
CA SER B 125 5.46 -16.09 24.10
C SER B 125 6.56 -16.88 24.79
N LYS B 126 6.21 -18.02 25.38
CA LYS B 126 7.21 -19.01 25.78
C LYS B 126 7.82 -19.69 24.56
N ILE B 127 9.12 -19.96 24.61
CA ILE B 127 9.79 -20.68 23.52
C ILE B 127 10.68 -21.77 24.08
N ASN B 128 10.71 -22.92 23.40
CA ASN B 128 11.51 -24.08 23.79
C ASN B 128 12.47 -24.40 22.64
N PHE B 129 13.76 -24.25 22.89
CA PHE B 129 14.80 -24.51 21.89
C PHE B 129 15.24 -25.97 21.85
N ARG B 130 14.53 -26.89 22.51
CA ARG B 130 14.88 -28.30 22.38
C ARG B 130 14.69 -28.77 20.94
N ASP B 131 13.62 -28.32 20.29
CA ASP B 131 13.43 -28.48 18.84
C ASP B 131 13.93 -27.18 18.22
N LYS B 132 15.26 -27.03 18.15
CA LYS B 132 15.87 -25.76 17.74
C LYS B 132 15.36 -25.25 16.39
N ARG B 133 15.39 -26.10 15.36
CA ARG B 133 14.91 -25.67 14.04
C ARG B 133 13.47 -25.16 14.09
N SER B 134 12.57 -25.91 14.72
CA SER B 134 11.18 -25.44 14.78
C SER B 134 11.08 -24.12 15.55
N ALA B 135 11.91 -23.95 16.58
CA ALA B 135 11.88 -22.70 17.35
C ALA B 135 12.27 -21.51 16.48
N LEU B 136 13.38 -21.62 15.75
CA LEU B 136 13.77 -20.56 14.82
C LEU B 136 12.68 -20.31 13.79
N GLN B 137 12.04 -21.39 13.31
CA GLN B 137 10.95 -21.24 12.36
C GLN B 137 9.81 -20.45 12.98
N SER B 138 9.53 -20.68 14.26
CA SER B 138 8.46 -19.94 14.95
C SER B 138 8.74 -18.45 14.98
N ILE B 139 9.97 -18.07 15.34
CA ILE B 139 10.33 -16.65 15.34
C ILE B 139 10.21 -16.07 13.93
N ASN B 140 10.77 -16.79 12.95
CA ASN B 140 10.76 -16.27 11.58
C ASN B 140 9.35 -16.15 11.02
N GLU B 141 8.49 -17.14 11.29
CA GLU B 141 7.11 -17.03 10.81
C GLU B 141 6.37 -15.88 11.47
N TRP B 142 6.63 -15.65 12.76
CA TRP B 142 5.99 -14.51 13.42
C TRP B 142 6.40 -13.20 12.77
N ALA B 143 7.68 -13.05 12.43
CA ALA B 143 8.13 -11.82 11.77
C ALA B 143 7.55 -11.70 10.38
N ALA B 144 7.47 -12.82 9.64
CA ALA B 144 6.89 -12.81 8.31
C ALA B 144 5.43 -12.36 8.31
N GLN B 145 4.62 -12.90 9.24
CA GLN B 145 3.21 -12.49 9.24
C GLN B 145 3.07 -11.04 9.69
N THR B 146 3.91 -10.58 10.61
CA THR B 146 3.89 -9.18 11.04
C THR B 146 4.10 -8.25 9.85
N THR B 147 4.95 -8.64 8.90
CA THR B 147 5.33 -7.85 7.75
C THR B 147 4.71 -8.37 6.44
N ASP B 148 3.72 -9.27 6.53
CA ASP B 148 3.07 -9.85 5.35
C ASP B 148 4.07 -10.36 4.32
N GLY B 149 5.11 -11.02 4.80
CA GLY B 149 6.06 -11.65 3.93
C GLY B 149 7.24 -10.77 3.50
N LYS B 150 7.23 -9.49 3.86
CA LYS B 150 8.33 -8.61 3.46
C LYS B 150 9.62 -8.91 4.23
N LEU B 151 9.50 -9.43 5.44
CA LEU B 151 10.62 -9.83 6.28
C LEU B 151 10.44 -11.30 6.60
N PRO B 152 10.88 -12.19 5.70
CA PRO B 152 10.59 -13.62 5.89
C PRO B 152 11.48 -14.30 6.90
N GLU B 153 12.61 -13.69 7.29
CA GLU B 153 13.50 -14.34 8.23
C GLU B 153 14.23 -13.31 9.09
N VAL B 154 14.21 -13.53 10.40
CA VAL B 154 14.89 -12.65 11.33
C VAL B 154 16.34 -13.08 11.53
N THR B 155 16.56 -14.36 11.83
CA THR B 155 17.91 -14.86 12.06
C THR B 155 17.99 -16.34 11.69
N LYS B 156 19.19 -16.79 11.38
CA LYS B 156 19.43 -18.19 11.07
C LYS B 156 19.88 -18.98 12.29
N ASP B 157 20.16 -18.31 13.40
CA ASP B 157 20.61 -19.00 14.59
C ASP B 157 20.45 -18.08 15.79
N VAL B 158 20.15 -18.67 16.94
CA VAL B 158 20.10 -17.98 18.22
C VAL B 158 21.19 -18.57 19.10
N GLU B 159 22.16 -17.74 19.49
CA GLU B 159 23.31 -18.24 20.24
C GLU B 159 22.94 -18.51 21.70
N ARG B 160 22.38 -17.51 22.39
CA ARG B 160 21.99 -17.65 23.79
C ARG B 160 20.50 -17.96 23.87
N THR B 161 20.16 -19.16 24.34
CA THR B 161 18.78 -19.63 24.35
C THR B 161 18.23 -19.77 25.77
N ASP B 162 18.95 -19.30 26.77
CA ASP B 162 18.55 -19.45 28.17
C ASP B 162 18.06 -18.14 28.78
N GLY B 163 17.82 -17.12 27.98
CA GLY B 163 17.33 -15.85 28.49
C GLY B 163 16.15 -15.37 27.68
N ALA B 164 15.77 -14.11 27.84
CA ALA B 164 14.70 -13.52 27.06
C ALA B 164 15.23 -13.01 25.73
N LEU B 165 14.44 -13.20 24.66
CA LEU B 165 14.74 -12.64 23.36
C LEU B 165 13.68 -11.62 23.04
N LEU B 166 14.09 -10.36 22.91
CA LEU B 166 13.20 -9.30 22.44
C LEU B 166 13.37 -9.19 20.93
N VAL B 167 12.27 -9.35 20.19
CA VAL B 167 12.32 -9.36 18.74
C VAL B 167 11.41 -8.25 18.22
N ASN B 168 11.98 -7.31 17.48
CA ASN B 168 11.20 -6.27 16.79
C ASN B 168 11.34 -6.54 15.29
N ALA B 169 10.19 -6.66 14.61
CA ALA B 169 10.13 -6.93 13.19
C ALA B 169 9.33 -5.82 12.52
N MET B 170 9.88 -5.27 11.45
CA MET B 170 9.34 -4.06 10.85
C MET B 170 9.41 -4.12 9.34
N PHE B 171 8.44 -3.46 8.71
CA PHE B 171 8.46 -3.16 7.30
C PHE B 171 8.16 -1.68 7.16
N PHE B 172 9.00 -0.97 6.41
CA PHE B 172 8.85 0.46 6.24
C PHE B 172 9.05 0.79 4.77
N LYS B 173 8.11 1.53 4.19
CA LYS B 173 8.16 1.89 2.77
C LYS B 173 7.82 3.36 2.66
N PRO B 174 8.82 4.25 2.51
CA PRO B 174 8.50 5.68 2.40
C PRO B 174 7.60 5.95 1.20
N HIS B 175 6.57 6.74 1.44
CA HIS B 175 5.62 7.19 0.42
C HIS B 175 5.95 8.66 0.15
N TRP B 176 6.44 8.98 -1.06
CA TRP B 176 6.95 10.33 -1.35
C TRP B 176 5.82 11.33 -1.45
N ASP B 177 6.13 12.58 -1.08
CA ASP B 177 5.17 13.65 -1.30
C ASP B 177 4.89 13.83 -2.78
N GLU B 178 5.87 13.56 -3.64
CA GLU B 178 5.72 13.62 -5.09
C GLU B 178 6.21 12.29 -5.66
N LYS B 179 5.29 11.48 -6.20
CA LYS B 179 5.61 10.14 -6.65
C LYS B 179 6.62 10.17 -7.79
N PHE B 180 7.39 9.09 -7.91
CA PHE B 180 8.17 8.79 -9.10
C PHE B 180 7.24 8.21 -10.16
N HIS B 181 7.57 8.43 -11.44
CA HIS B 181 6.82 7.80 -12.51
C HIS B 181 7.12 6.30 -12.51
N HIS B 182 6.06 5.47 -12.56
CA HIS B 182 6.30 4.03 -12.40
C HIS B 182 7.13 3.43 -13.52
N LYS B 183 7.22 4.08 -14.67
CA LYS B 183 8.05 3.57 -15.75
C LYS B 183 9.47 4.14 -15.75
N MET B 184 9.79 5.05 -14.84
CA MET B 184 11.13 5.65 -14.77
C MET B 184 12.05 4.75 -13.92
N VAL B 185 12.19 3.53 -14.40
CA VAL B 185 12.92 2.48 -13.70
C VAL B 185 13.77 1.74 -14.73
N ASP B 186 15.04 1.48 -14.42
CA ASP B 186 15.89 0.70 -15.32
C ASP B 186 17.04 0.08 -14.52
N ASN B 187 17.96 -0.57 -15.22
CA ASN B 187 19.03 -1.35 -14.59
C ASN B 187 20.33 -0.57 -14.66
N ARG B 188 21.04 -0.48 -13.54
CA ARG B 188 22.29 0.25 -13.49
C ARG B 188 23.27 -0.50 -12.59
N GLY B 189 24.54 -0.11 -12.67
CA GLY B 189 25.55 -0.65 -11.78
C GLY B 189 25.64 0.17 -10.50
N PHE B 190 25.66 -0.51 -9.36
CA PHE B 190 25.92 0.09 -8.06
C PHE B 190 27.30 -0.34 -7.62
N MET B 191 28.19 0.62 -7.39
CA MET B 191 29.56 0.32 -7.05
C MET B 191 29.66 0.23 -5.54
N VAL B 192 29.74 -1.00 -5.04
CA VAL B 192 29.96 -1.19 -3.60
C VAL B 192 31.33 -0.66 -3.24
N THR B 193 32.33 -0.97 -4.05
CA THR B 193 33.64 -0.32 -4.07
C THR B 193 34.00 0.01 -5.52
N ARG B 194 35.20 0.53 -5.74
CA ARG B 194 35.61 0.83 -7.10
C ARG B 194 36.11 -0.38 -7.87
N SER B 195 35.98 -1.58 -7.31
CA SER B 195 36.34 -2.80 -8.01
C SER B 195 35.26 -3.86 -7.94
N TYR B 196 34.16 -3.58 -7.26
CA TYR B 196 33.06 -4.52 -7.14
C TYR B 196 31.78 -3.77 -7.46
N THR B 197 31.13 -4.15 -8.56
CA THR B 197 29.89 -3.54 -9.00
C THR B 197 28.79 -4.59 -8.98
N VAL B 198 27.62 -4.18 -8.49
CA VAL B 198 26.45 -5.02 -8.39
C VAL B 198 25.36 -4.43 -9.29
N GLY B 199 24.73 -5.28 -10.10
CA GLY B 199 23.62 -4.84 -10.94
C GLY B 199 22.37 -4.61 -10.11
N VAL B 200 21.81 -3.39 -10.16
CA VAL B 200 20.59 -3.08 -9.42
C VAL B 200 19.58 -2.46 -10.37
N THR B 201 18.34 -2.42 -9.89
CA THR B 201 17.29 -1.61 -10.47
C THR B 201 17.30 -0.23 -9.82
N MET B 202 17.24 0.83 -10.63
CA MET B 202 17.21 2.20 -10.14
C MET B 202 15.92 2.90 -10.57
N MET B 203 15.41 3.79 -9.72
CA MET B 203 14.27 4.65 -10.06
C MET B 203 14.73 6.09 -10.10
N HIS B 204 14.07 6.89 -10.92
CA HIS B 204 14.57 8.21 -11.26
C HIS B 204 13.42 9.21 -11.29
N ARG B 205 13.67 10.40 -10.74
CA ARG B 205 12.70 11.48 -10.82
C ARG B 205 13.43 12.81 -10.74
N THR B 206 12.96 13.79 -11.49
CA THR B 206 13.46 15.15 -11.41
C THR B 206 12.41 16.06 -10.80
N GLY B 207 12.82 16.88 -9.85
CA GLY B 207 11.91 17.82 -9.23
C GLY B 207 12.69 18.86 -8.45
N LEU B 208 11.94 19.69 -7.72
CA LEU B 208 12.54 20.70 -6.85
C LEU B 208 12.74 20.09 -5.47
N TYR B 209 13.99 20.02 -5.03
CA TYR B 209 14.32 19.42 -3.76
C TYR B 209 15.32 20.30 -3.02
N ASN B 210 15.20 20.32 -1.69
CA ASN B 210 16.22 20.93 -0.84
C ASN B 210 17.52 20.15 -0.96
N TYR B 211 18.61 20.88 -1.20
CA TYR B 211 19.84 20.27 -1.70
C TYR B 211 21.04 21.10 -1.25
N TYR B 212 22.15 20.41 -0.99
CA TYR B 212 23.41 21.06 -0.66
C TYR B 212 24.55 20.21 -1.15
N ASP B 213 25.47 20.83 -1.89
CA ASP B 213 26.70 20.19 -2.35
C ASP B 213 27.87 20.82 -1.58
N ASP B 214 28.54 20.01 -0.78
CA ASP B 214 29.64 20.47 0.08
C ASP B 214 30.98 20.14 -0.59
N GLU B 215 31.56 21.11 -1.30
CA GLU B 215 32.82 20.81 -1.97
C GLU B 215 33.95 20.61 -0.97
N LYS B 216 33.85 21.20 0.22
CA LYS B 216 34.95 21.14 1.16
C LYS B 216 35.03 19.78 1.83
N GLU B 217 33.90 19.19 2.20
CA GLU B 217 33.87 17.82 2.72
C GLU B 217 33.46 16.78 1.69
N LYS B 218 33.43 17.16 0.41
CA LYS B 218 33.09 16.28 -0.70
C LYS B 218 31.90 15.36 -0.41
N LEU B 219 30.71 15.96 -0.31
CA LEU B 219 29.47 15.21 -0.13
C LEU B 219 28.32 16.02 -0.70
N GLN B 220 27.25 15.31 -1.06
CA GLN B 220 25.97 15.92 -1.36
C GLN B 220 24.96 15.48 -0.32
N ILE B 221 23.98 16.34 -0.06
CA ILE B 221 22.87 15.99 0.83
C ILE B 221 21.58 16.52 0.19
N VAL B 222 20.54 15.68 0.21
CA VAL B 222 19.27 16.03 -0.43
C VAL B 222 18.14 15.62 0.50
N GLU B 223 17.05 16.40 0.48
CA GLU B 223 15.88 16.15 1.32
C GLU B 223 14.70 15.75 0.44
N MET B 224 14.12 14.57 0.70
CA MET B 224 12.96 14.10 -0.06
C MET B 224 11.73 14.07 0.84
N PRO B 225 10.80 15.02 0.68
CA PRO B 225 9.60 15.02 1.53
C PRO B 225 8.76 13.76 1.33
N LEU B 226 8.30 13.21 2.46
CA LEU B 226 7.37 12.10 2.44
C LEU B 226 5.95 12.67 2.40
N ALA B 227 4.97 11.78 2.28
CA ALA B 227 3.58 12.17 2.06
C ALA B 227 3.15 13.24 3.07
N HIS B 228 2.60 14.33 2.52
CA HIS B 228 2.05 15.46 3.27
C HIS B 228 3.10 16.21 4.07
N LYS B 229 4.37 15.98 3.75
CA LYS B 229 5.49 16.72 4.33
C LYS B 229 5.50 16.62 5.85
N LEU B 230 5.15 15.46 6.40
CA LEU B 230 5.22 15.29 7.84
C LEU B 230 6.52 14.66 8.29
N SER B 231 7.34 14.27 7.34
CA SER B 231 8.71 13.85 7.60
C SER B 231 9.42 13.86 6.24
N SER B 232 10.74 13.81 6.28
CA SER B 232 11.55 13.84 5.09
C SER B 232 12.62 12.76 5.17
N LEU B 233 12.95 12.20 4.03
CA LEU B 233 14.07 11.28 3.92
C LEU B 233 15.28 12.08 3.45
N ILE B 234 16.32 12.11 4.27
CA ILE B 234 17.56 12.84 3.99
C ILE B 234 18.59 11.82 3.53
N ILE B 235 19.25 12.09 2.42
CA ILE B 235 20.30 11.20 1.91
C ILE B 235 21.62 11.96 1.88
N LEU B 236 22.67 11.34 2.43
CA LEU B 236 24.02 11.90 2.50
C LEU B 236 24.96 10.96 1.78
N MET B 237 25.67 11.48 0.77
CA MET B 237 26.48 10.63 -0.08
C MET B 237 27.79 11.33 -0.41
N PRO B 238 28.93 10.67 -0.22
CA PRO B 238 30.21 11.30 -0.58
C PRO B 238 30.37 11.41 -2.09
N HIS B 239 31.22 12.36 -2.49
CA HIS B 239 31.51 12.55 -3.90
C HIS B 239 32.13 11.28 -4.50
N HIS B 240 33.07 10.66 -3.79
CA HIS B 240 33.76 9.48 -4.28
C HIS B 240 33.14 8.20 -3.71
N VAL B 241 33.49 7.09 -4.34
CA VAL B 241 33.14 5.77 -3.83
C VAL B 241 34.13 5.46 -2.71
N GLU B 242 33.68 5.54 -1.47
CA GLU B 242 34.59 5.41 -0.35
C GLU B 242 33.84 4.81 0.82
N PRO B 243 34.54 4.19 1.77
CA PRO B 243 33.92 3.80 3.04
C PRO B 243 33.25 5.01 3.70
N LEU B 244 32.13 4.77 4.38
CA LEU B 244 31.36 5.87 4.94
C LEU B 244 31.97 6.41 6.24
N GLU B 245 33.11 5.87 6.69
CA GLU B 245 33.74 6.32 7.94
C GLU B 245 33.86 7.83 8.02
N ARG B 246 34.44 8.44 6.99
CA ARG B 246 34.74 9.87 7.01
C ARG B 246 33.47 10.69 7.21
N LEU B 247 32.45 10.42 6.40
CA LEU B 247 31.19 11.15 6.52
C LEU B 247 30.53 10.85 7.86
N GLU B 248 30.65 9.62 8.34
CA GLU B 248 30.02 9.28 9.62
C GLU B 248 30.66 10.04 10.78
N LYS B 249 31.97 10.36 10.68
CA LYS B 249 32.59 11.20 11.68
C LYS B 249 31.98 12.60 11.66
N LEU B 250 31.54 13.06 10.49
CA LEU B 250 30.92 14.38 10.41
C LEU B 250 29.48 14.34 10.90
N LEU B 251 28.83 13.17 10.85
CA LEU B 251 27.40 13.09 11.12
C LEU B 251 27.12 13.25 12.62
N THR B 252 26.47 14.35 12.99
CA THR B 252 26.02 14.63 14.34
C THR B 252 24.71 15.38 14.23
N LYS B 253 24.01 15.50 15.37
CA LYS B 253 22.77 16.28 15.39
C LYS B 253 23.03 17.75 15.04
N GLU B 254 24.13 18.30 15.56
CA GLU B 254 24.52 19.67 15.24
C GLU B 254 24.88 19.82 13.76
N GLN B 255 25.75 18.94 13.26
CA GLN B 255 26.17 19.04 11.86
C GLN B 255 24.99 18.85 10.91
N LEU B 256 24.10 17.90 11.21
CA LEU B 256 22.91 17.73 10.37
C LEU B 256 22.10 19.01 10.32
N LYS B 257 21.94 19.67 11.47
CA LYS B 257 21.21 20.93 11.52
C LYS B 257 21.88 22.01 10.66
N ILE B 258 23.21 22.06 10.67
CA ILE B 258 23.93 23.02 9.84
C ILE B 258 23.69 22.74 8.36
N TRP B 259 23.85 21.48 7.95
CA TRP B 259 23.63 21.10 6.56
C TRP B 259 22.23 21.47 6.11
N MET B 260 21.22 21.13 6.92
CA MET B 260 19.85 21.45 6.54
C MET B 260 19.63 22.94 6.35
N GLY B 261 20.30 23.76 7.16
CA GLY B 261 20.22 25.20 7.03
C GLY B 261 20.88 25.76 5.80
N LYS B 262 21.86 25.04 5.24
CA LYS B 262 22.54 25.45 4.02
C LYS B 262 21.84 24.95 2.76
N MET B 263 20.89 24.04 2.90
CA MET B 263 20.19 23.53 1.73
C MET B 263 19.41 24.64 1.07
N GLN B 264 19.34 24.56 -0.24
CA GLN B 264 18.52 25.45 -1.05
C GLN B 264 17.67 24.59 -1.95
N LYS B 265 16.46 25.08 -2.26
CA LYS B 265 15.57 24.35 -3.13
C LYS B 265 16.05 24.47 -4.57
N LYS B 266 16.40 23.33 -5.18
CA LYS B 266 16.95 23.34 -6.53
C LYS B 266 16.33 22.22 -7.35
N ALA B 267 16.44 22.37 -8.67
CA ALA B 267 16.09 21.28 -9.58
C ALA B 267 17.11 20.16 -9.41
N VAL B 268 16.65 18.98 -9.02
CA VAL B 268 17.53 17.83 -8.78
C VAL B 268 16.96 16.59 -9.47
N ALA B 269 17.79 15.88 -10.20
CA ALA B 269 17.43 14.58 -10.74
C ALA B 269 17.97 13.54 -9.75
N ILE B 270 17.06 12.90 -9.03
CA ILE B 270 17.42 11.94 -8.00
C ILE B 270 17.32 10.54 -8.60
N SER B 271 18.39 9.76 -8.49
CA SER B 271 18.42 8.37 -8.95
C SER B 271 18.77 7.47 -7.77
N LEU B 272 17.89 6.52 -7.44
CA LEU B 272 18.08 5.67 -6.26
C LEU B 272 17.90 4.21 -6.62
N PRO B 273 18.59 3.30 -5.92
CA PRO B 273 18.25 1.88 -6.05
C PRO B 273 16.83 1.65 -5.59
N LYS B 274 16.12 0.81 -6.33
CA LYS B 274 14.73 0.46 -6.06
C LYS B 274 14.68 -1.00 -5.63
N GLY B 275 13.98 -1.27 -4.53
CA GLY B 275 13.88 -2.63 -4.02
C GLY B 275 13.87 -2.66 -2.50
N VAL B 276 13.84 -3.88 -1.94
CA VAL B 276 13.77 -4.10 -0.51
C VAL B 276 15.17 -4.33 0.03
N VAL B 277 15.49 -3.66 1.13
CA VAL B 277 16.70 -3.93 1.89
C VAL B 277 16.28 -4.61 3.19
N GLU B 278 16.83 -5.79 3.45
CA GLU B 278 16.52 -6.54 4.67
C GLU B 278 17.76 -6.57 5.55
N VAL B 279 17.61 -6.15 6.82
CA VAL B 279 18.70 -6.19 7.79
C VAL B 279 18.18 -6.62 9.14
N THR B 280 18.89 -7.54 9.80
CA THR B 280 18.69 -7.87 11.20
C THR B 280 19.91 -7.49 12.00
N HIS B 281 19.72 -6.68 13.04
CA HIS B 281 20.73 -6.41 14.04
C HIS B 281 20.34 -7.06 15.36
N ASP B 282 21.29 -7.67 16.04
CA ASP B 282 21.12 -8.03 17.44
C ASP B 282 21.77 -6.90 18.22
N LEU B 283 20.96 -6.05 18.85
CA LEU B 283 21.47 -4.84 19.50
C LEU B 283 22.08 -5.13 20.87
N GLN B 284 22.06 -6.39 21.31
CA GLN B 284 22.46 -6.73 22.68
C GLN B 284 23.80 -6.12 23.05
N LYS B 285 24.85 -6.49 22.32
CA LYS B 285 26.18 -5.99 22.64
C LYS B 285 26.25 -4.47 22.55
N HIS B 286 25.67 -3.89 21.48
CA HIS B 286 25.84 -2.47 21.27
C HIS B 286 25.14 -1.66 22.36
N LEU B 287 23.95 -2.10 22.77
CA LEU B 287 23.30 -1.46 23.90
C LEU B 287 24.14 -1.58 25.16
N ALA B 288 24.75 -2.75 25.36
CA ALA B 288 25.65 -2.93 26.51
C ALA B 288 26.82 -1.97 26.43
N GLY B 289 27.38 -1.77 25.24
CA GLY B 289 28.44 -0.80 25.09
C GLY B 289 28.00 0.60 25.44
N LEU B 290 26.70 0.90 25.28
CA LEU B 290 26.18 2.22 25.62
C LEU B 290 25.83 2.36 27.10
N GLY B 291 25.92 1.28 27.88
CA GLY B 291 25.68 1.36 29.31
C GLY B 291 24.70 0.34 29.86
N LEU B 292 24.07 -0.44 28.99
CA LEU B 292 23.13 -1.48 29.43
C LEU B 292 23.88 -2.80 29.66
N THR B 293 24.81 -2.76 30.62
CA THR B 293 25.73 -3.86 30.84
C THR B 293 25.05 -4.97 31.63
N GLU B 294 24.26 -4.53 32.61
CA GLU B 294 23.60 -5.37 33.63
C GLU B 294 22.47 -6.23 33.06
N ALA B 295 21.51 -5.62 32.36
CA ALA B 295 20.37 -6.38 31.86
C ALA B 295 20.81 -7.61 31.05
N ILE B 296 21.96 -7.54 30.37
CA ILE B 296 22.37 -8.59 29.42
C ILE B 296 23.27 -9.66 30.02
N ASP B 297 23.57 -9.60 31.31
CA ASP B 297 24.46 -10.57 31.92
C ASP B 297 23.68 -11.49 32.86
N LYS B 298 23.70 -12.78 32.57
CA LYS B 298 22.90 -13.76 33.32
C LYS B 298 23.08 -13.65 34.83
N ASN B 299 24.29 -13.34 35.31
CA ASN B 299 24.48 -13.48 36.75
C ASN B 299 24.03 -12.24 37.51
N LYS B 300 23.79 -11.11 36.83
CA LYS B 300 23.45 -9.88 37.52
C LYS B 300 22.08 -9.34 37.21
N ALA B 301 21.51 -9.64 36.04
CA ALA B 301 20.29 -8.97 35.60
C ALA B 301 19.18 -9.11 36.63
N ASP B 302 18.44 -8.03 36.84
CA ASP B 302 17.24 -8.02 37.67
C ASP B 302 16.05 -7.61 36.80
N LEU B 303 15.39 -8.61 36.22
CA LEU B 303 14.15 -8.43 35.47
C LEU B 303 12.98 -9.07 36.20
N SER B 304 12.96 -8.97 37.53
CA SER B 304 11.95 -9.68 38.31
C SER B 304 10.57 -9.07 38.20
N ARG B 305 10.43 -7.87 37.62
CA ARG B 305 9.09 -7.39 37.36
C ARG B 305 8.49 -8.11 36.15
N MET B 306 9.34 -8.65 35.29
CA MET B 306 8.86 -9.39 34.12
C MET B 306 8.24 -10.73 34.52
N SER B 307 8.82 -11.42 35.49
CA SER B 307 8.46 -12.80 35.75
C SER B 307 8.15 -13.12 37.20
N GLY B 308 8.37 -12.20 38.12
CA GLY B 308 8.21 -12.47 39.54
C GLY B 308 9.45 -13.09 40.13
N LYS B 309 10.09 -13.97 39.36
CA LYS B 309 11.37 -14.54 39.72
C LYS B 309 12.44 -13.70 39.06
N LYS B 310 13.70 -14.09 39.26
CA LYS B 310 14.80 -13.23 38.84
C LYS B 310 15.96 -14.10 38.35
N ASP B 311 15.66 -15.00 37.42
CA ASP B 311 16.73 -15.64 36.63
C ASP B 311 16.68 -15.24 35.16
N LEU B 312 15.77 -14.33 34.80
CA LEU B 312 15.69 -13.81 33.45
C LEU B 312 16.78 -12.77 33.21
N TYR B 313 17.40 -12.86 32.04
CA TYR B 313 18.31 -11.83 31.56
C TYR B 313 18.00 -11.61 30.08
N LEU B 314 18.42 -10.46 29.57
CA LEU B 314 18.17 -10.06 28.19
C LEU B 314 19.23 -10.71 27.31
N ALA B 315 18.84 -11.78 26.61
CA ALA B 315 19.80 -12.52 25.79
C ALA B 315 20.06 -11.84 24.46
N SER B 316 19.02 -11.31 23.82
CA SER B 316 19.11 -10.71 22.50
C SER B 316 18.07 -9.61 22.37
N VAL B 317 18.41 -8.58 21.60
CA VAL B 317 17.47 -7.56 21.17
C VAL B 317 17.56 -7.53 19.64
N PHE B 318 16.78 -8.39 18.98
CA PHE B 318 16.78 -8.45 17.52
C PHE B 318 15.99 -7.27 16.98
N HIS B 319 16.60 -6.52 16.08
CA HIS B 319 15.99 -5.35 15.44
C HIS B 319 16.06 -5.65 13.94
N ALA B 320 14.94 -6.10 13.36
CA ALA B 320 14.93 -6.60 11.99
C ALA B 320 13.96 -5.77 11.15
N THR B 321 14.45 -5.28 10.01
CA THR B 321 13.71 -4.35 9.17
C THR B 321 13.76 -4.76 7.71
N ALA B 322 12.64 -4.68 7.04
CA ALA B 322 12.59 -4.65 5.58
C ALA B 322 12.23 -3.21 5.22
N PHE B 323 13.16 -2.52 4.56
CA PHE B 323 13.00 -1.14 4.15
C PHE B 323 12.90 -1.14 2.63
N GLU B 324 11.78 -0.67 2.08
CA GLU B 324 11.56 -0.78 0.64
C GLU B 324 11.60 0.60 0.00
N TRP B 325 12.50 0.76 -0.97
CA TRP B 325 12.54 1.92 -1.87
C TRP B 325 11.66 1.62 -3.07
N ASP B 326 10.63 2.43 -3.29
CA ASP B 326 9.66 2.21 -4.36
C ASP B 326 9.28 3.55 -4.97
N THR B 327 8.60 3.52 -6.11
CA THR B 327 8.23 4.76 -6.80
C THR B 327 6.99 5.44 -6.22
N GLU B 328 6.14 4.73 -5.47
CA GLU B 328 4.81 5.24 -5.19
C GLU B 328 4.84 6.43 -4.23
N GLY B 329 3.89 7.33 -4.43
CA GLY B 329 3.77 8.53 -3.63
C GLY B 329 2.48 9.24 -3.97
N ASN B 330 2.36 10.49 -3.48
CA ASN B 330 1.20 11.29 -3.84
C ASN B 330 1.28 11.72 -5.31
N PRO B 331 0.14 11.82 -5.98
CA PRO B 331 0.13 12.38 -7.34
C PRO B 331 0.51 13.86 -7.33
N PHE B 332 0.95 14.33 -8.50
CA PHE B 332 1.32 15.73 -8.66
C PHE B 332 1.11 16.16 -10.11
N ASP B 333 1.17 17.48 -10.32
CA ASP B 333 0.88 18.14 -11.59
C ASP B 333 1.50 17.48 -12.82
N GLU B 341 11.37 24.88 -14.37
CA GLU B 341 12.52 25.14 -13.51
C GLU B 341 13.45 23.95 -13.49
N LEU B 342 13.04 22.86 -14.14
CA LEU B 342 13.67 21.55 -14.02
C LEU B 342 14.56 21.20 -15.20
N ARG B 343 15.03 22.19 -15.96
CA ARG B 343 15.62 21.89 -17.26
C ARG B 343 17.05 21.39 -17.19
N SER B 344 17.89 21.99 -16.35
CA SER B 344 19.30 21.65 -16.25
C SER B 344 19.60 21.24 -14.81
N PRO B 345 19.00 20.13 -14.35
CA PRO B 345 19.04 19.82 -12.92
C PRO B 345 20.42 19.35 -12.45
N LYS B 346 20.64 19.54 -11.16
CA LYS B 346 21.73 18.85 -10.48
C LYS B 346 21.42 17.36 -10.42
N LEU B 347 22.45 16.52 -10.44
CA LEU B 347 22.26 15.08 -10.27
C LEU B 347 22.54 14.68 -8.84
N PHE B 348 21.65 13.88 -8.26
CA PHE B 348 21.94 13.12 -7.04
C PHE B 348 21.83 11.65 -7.44
N TYR B 349 22.96 11.10 -7.88
CA TYR B 349 23.02 9.80 -8.56
C TYR B 349 23.59 8.77 -7.58
N ALA B 350 22.70 8.03 -6.91
CA ALA B 350 23.10 7.22 -5.76
C ALA B 350 23.52 5.81 -6.22
N ASP B 351 24.65 5.77 -6.94
CA ASP B 351 25.22 4.51 -7.39
C ASP B 351 26.39 4.05 -6.53
N HIS B 352 26.46 4.49 -5.28
CA HIS B 352 27.49 4.00 -4.36
C HIS B 352 27.01 4.27 -2.93
N PRO B 353 27.67 3.70 -1.91
CA PRO B 353 27.10 3.72 -0.55
C PRO B 353 26.77 5.11 -0.02
N PHE B 354 25.66 5.20 0.72
CA PHE B 354 25.19 6.45 1.27
C PHE B 354 24.55 6.22 2.63
N ILE B 355 24.40 7.30 3.38
CA ILE B 355 23.70 7.33 4.65
C ILE B 355 22.34 7.96 4.42
N PHE B 356 21.32 7.46 5.11
CA PHE B 356 20.01 8.08 5.01
C PHE B 356 19.32 8.08 6.36
N LEU B 357 18.42 9.02 6.54
CA LEU B 357 17.62 9.06 7.73
C LEU B 357 16.27 9.65 7.36
N VAL B 358 15.29 9.34 8.19
CA VAL B 358 13.96 9.94 8.10
C VAL B 358 13.81 10.80 9.34
N ARG B 359 13.55 12.08 9.14
CA ARG B 359 13.38 13.01 10.24
C ARG B 359 11.98 13.59 10.21
N ASP B 360 11.45 13.84 11.40
CA ASP B 360 10.15 14.48 11.58
C ASP B 360 10.26 15.97 11.24
N THR B 361 9.42 16.44 10.31
CA THR B 361 9.52 17.83 9.89
C THR B 361 9.11 18.79 11.00
N GLN B 362 8.06 18.45 11.76
CA GLN B 362 7.61 19.34 12.82
C GLN B 362 8.60 19.33 13.99
N SER B 363 8.85 18.16 14.58
CA SER B 363 9.65 18.10 15.80
C SER B 363 11.14 18.22 15.53
N GLY B 364 11.55 18.09 14.26
CA GLY B 364 12.95 18.07 13.91
C GLY B 364 13.69 16.86 14.42
N SER B 365 12.98 15.94 15.07
CA SER B 365 13.59 14.81 15.73
C SER B 365 13.77 13.65 14.77
N LEU B 366 14.92 12.99 14.89
CA LEU B 366 15.23 11.85 14.05
C LEU B 366 14.17 10.77 14.23
N LEU B 367 13.79 10.10 13.13
CA LEU B 367 12.73 9.08 13.15
C LEU B 367 13.11 7.77 12.48
N PHE B 368 14.27 7.69 11.85
CA PHE B 368 14.81 6.48 11.27
C PHE B 368 16.22 6.78 10.78
N ILE B 369 17.16 5.84 10.88
CA ILE B 369 18.54 6.12 10.43
C ILE B 369 19.16 4.83 9.93
N GLY B 370 19.94 4.94 8.87
CA GLY B 370 20.60 3.75 8.38
C GLY B 370 21.61 4.08 7.31
N ARG B 371 22.17 3.02 6.72
CA ARG B 371 23.05 3.26 5.60
C ARG B 371 22.92 2.09 4.64
N LEU B 372 23.11 2.38 3.36
CA LEU B 372 23.10 1.37 2.33
C LEU B 372 24.52 1.26 1.79
N VAL B 373 25.14 0.12 2.03
CA VAL B 373 26.47 -0.13 1.51
C VAL B 373 26.42 -1.25 0.51
N ARG B 374 25.42 -2.12 0.58
CA ARG B 374 25.48 -3.31 -0.28
C ARG B 374 24.08 -3.78 -0.64
N PRO B 375 23.55 -3.39 -1.80
CA PRO B 375 22.22 -3.81 -2.24
C PRO B 375 22.21 -5.26 -2.73
N LYS B 376 21.03 -5.88 -2.82
CA LYS B 376 20.92 -7.28 -3.32
C LYS B 376 21.01 -7.33 -4.86
N GLY B 377 21.99 -8.09 -5.37
CA GLY B 377 22.22 -8.34 -6.77
C GLY B 377 23.49 -9.13 -6.95
N ASP B 378 23.63 -9.71 -8.14
CA ASP B 378 24.84 -10.44 -8.51
C ASP B 378 25.88 -9.46 -9.07
N LYS B 379 27.14 -9.90 -9.06
CA LYS B 379 28.23 -9.09 -9.59
C LYS B 379 28.02 -8.78 -11.06
N MET B 380 28.37 -7.56 -11.45
CA MET B 380 28.27 -7.14 -12.84
C MET B 380 29.61 -6.55 -13.32
C ACE C 1 0.89 -18.14 21.96
O ACE C 1 0.57 -19.30 22.23
CH3 ACE C 1 2.23 -17.58 22.33
N PRO C 2 0.21 -17.11 21.45
CA PRO C 2 -1.13 -17.53 21.05
C PRO C 2 -1.14 -18.40 19.79
N PRO C 3 -2.05 -19.38 19.73
CA PRO C 3 -2.14 -20.25 18.56
C PRO C 3 -2.51 -19.46 17.30
N GLY C 4 -2.14 -20.03 16.15
CA GLY C 4 -2.47 -19.45 14.87
C GLY C 4 -3.96 -19.51 14.53
N PRO C 5 -4.35 -18.89 13.42
CA PRO C 5 -5.77 -18.93 13.03
C PRO C 5 -6.15 -20.31 12.55
N PRO C 6 -7.43 -20.67 12.58
CA PRO C 6 -7.85 -21.96 12.01
C PRO C 6 -7.53 -22.00 10.53
N GLY C 7 -7.24 -23.20 10.03
CA GLY C 7 -6.85 -23.37 8.65
C GLY C 7 -7.95 -23.09 7.65
N PRO C 8 -7.62 -23.12 6.37
CA PRO C 8 -8.63 -22.88 5.33
C PRO C 8 -9.56 -24.07 5.21
N PRO C 9 -10.72 -23.88 4.58
CA PRO C 9 -11.59 -25.03 4.31
C PRO C 9 -10.95 -26.02 3.33
N GLY C 10 -11.38 -27.27 3.43
CA GLY C 10 -11.02 -28.25 2.45
C GLY C 10 -11.65 -27.86 1.12
N PRO C 11 -11.28 -28.55 0.04
CA PRO C 11 -11.86 -28.24 -1.26
C PRO C 11 -13.32 -28.68 -1.34
N ARG C 12 -14.03 -28.11 -2.31
CA ARG C 12 -15.40 -28.52 -2.58
C ARG C 12 -15.44 -29.99 -2.99
N GLY C 13 -16.46 -30.70 -2.53
CA GLY C 13 -16.64 -32.11 -2.87
C GLY C 13 -16.86 -32.34 -4.36
N PHE C 14 -16.84 -33.62 -4.73
CA PHE C 14 -17.10 -34.01 -6.11
C PHE C 14 -18.53 -33.61 -6.49
N PRO C 15 -18.76 -33.30 -7.77
CA PRO C 15 -20.13 -33.03 -8.23
C PRO C 15 -21.00 -34.27 -8.14
N GLY C 16 -22.30 -34.05 -7.98
CA GLY C 16 -23.23 -35.15 -7.83
C GLY C 16 -23.43 -35.91 -9.13
N PRO C 17 -24.02 -37.11 -9.03
CA PRO C 17 -24.27 -37.91 -10.23
C PRO C 17 -25.46 -37.35 -11.00
N PRO C 18 -25.57 -37.65 -12.28
CA PRO C 18 -26.75 -37.23 -13.03
C PRO C 18 -27.99 -37.92 -12.52
N GLY C 19 -29.14 -37.31 -12.79
CA GLY C 19 -30.40 -37.91 -12.43
C GLY C 19 -30.76 -39.04 -13.37
N PRO C 20 -31.84 -39.74 -13.05
CA PRO C 20 -32.26 -40.89 -13.88
C PRO C 20 -32.92 -40.40 -15.16
N PRO C 21 -32.98 -41.25 -16.21
CA PRO C 21 -33.66 -40.91 -17.45
C PRO C 21 -35.18 -41.10 -17.39
C ACE D 1 2.84 -21.34 17.79
O ACE D 1 3.41 -22.09 16.99
CH3 ACE D 1 3.39 -20.01 18.20
N PRO D 2 2.07 -22.18 18.48
CA PRO D 2 1.48 -23.43 18.00
C PRO D 2 0.54 -23.21 16.80
N PRO D 3 0.53 -24.14 15.84
CA PRO D 3 -0.36 -23.99 14.68
C PRO D 3 -1.82 -23.97 15.11
N GLY D 4 -2.65 -23.30 14.31
CA GLY D 4 -4.06 -23.29 14.57
C GLY D 4 -4.68 -24.65 14.31
N PRO D 5 -5.96 -24.80 14.65
CA PRO D 5 -6.64 -26.07 14.42
C PRO D 5 -6.93 -26.26 12.95
N PRO D 6 -7.24 -27.49 12.53
CA PRO D 6 -7.58 -27.74 11.12
C PRO D 6 -8.78 -26.91 10.70
N GLY D 7 -8.79 -26.56 9.42
CA GLY D 7 -9.90 -25.84 8.84
C GLY D 7 -11.13 -26.72 8.74
N PRO D 8 -12.25 -26.13 8.36
CA PRO D 8 -13.51 -26.87 8.26
C PRO D 8 -13.52 -27.78 7.05
N PRO D 9 -14.44 -28.74 6.99
CA PRO D 9 -14.62 -29.50 5.75
C PRO D 9 -15.01 -28.53 4.64
N GLY D 10 -14.63 -28.88 3.41
CA GLY D 10 -15.03 -28.09 2.26
C GLY D 10 -16.52 -28.19 2.03
N PRO D 11 -17.05 -27.34 1.14
CA PRO D 11 -18.48 -27.41 0.81
C PRO D 11 -18.82 -28.65 0.01
N ARG D 12 -20.10 -29.02 0.09
CA ARG D 12 -20.59 -30.13 -0.72
C ARG D 12 -20.44 -29.78 -2.19
N GLY D 13 -20.16 -30.79 -3.00
CA GLY D 13 -20.07 -30.56 -4.43
C GLY D 13 -21.38 -30.05 -4.97
N PHE D 14 -21.33 -29.49 -6.17
CA PHE D 14 -22.54 -29.01 -6.78
C PHE D 14 -23.43 -30.18 -7.17
N PRO D 15 -24.75 -30.01 -7.21
CA PRO D 15 -25.62 -31.12 -7.59
C PRO D 15 -25.37 -31.59 -9.01
N GLY D 16 -25.70 -32.85 -9.27
CA GLY D 16 -25.49 -33.43 -10.58
C GLY D 16 -26.39 -32.82 -11.63
N PRO D 17 -26.07 -33.07 -12.90
CA PRO D 17 -26.91 -32.57 -14.00
C PRO D 17 -28.17 -33.41 -14.15
N PRO D 18 -29.19 -32.90 -14.83
CA PRO D 18 -30.38 -33.72 -15.09
C PRO D 18 -30.04 -34.93 -15.95
N GLY D 19 -30.88 -35.95 -15.87
CA GLY D 19 -30.70 -37.14 -16.68
C GLY D 19 -31.12 -36.92 -18.12
N PRO D 20 -30.95 -37.98 -18.93
CA PRO D 20 -31.31 -37.98 -20.36
C PRO D 20 -32.78 -37.62 -20.61
C ACE E 1 0.75 -19.07 13.60
O ACE E 1 1.04 -19.06 14.80
CH3 ACE E 1 0.08 -17.92 12.92
N PRO E 2 1.44 -20.01 12.97
CA PRO E 2 1.13 -20.51 11.63
C PRO E 2 -0.36 -20.89 11.49
N PRO E 3 -0.90 -20.71 10.29
CA PRO E 3 -2.29 -21.12 10.05
C PRO E 3 -2.43 -22.61 10.27
N GLY E 4 -3.64 -23.04 10.64
CA GLY E 4 -3.90 -24.46 10.76
C GLY E 4 -3.89 -25.11 9.40
N PRO E 5 -3.91 -26.45 9.37
CA PRO E 5 -3.94 -27.16 8.10
C PRO E 5 -5.33 -27.09 7.48
N PRO E 6 -5.45 -27.37 6.18
CA PRO E 6 -6.77 -27.39 5.54
C PRO E 6 -7.69 -28.48 6.10
N GLY E 7 -9.01 -28.19 6.07
CA GLY E 7 -9.98 -29.18 6.42
C GLY E 7 -10.08 -30.26 5.34
N PRO E 8 -10.88 -31.29 5.61
CA PRO E 8 -11.07 -32.35 4.61
C PRO E 8 -11.94 -31.87 3.46
N PRO E 9 -11.91 -32.57 2.32
CA PRO E 9 -12.80 -32.22 1.20
C PRO E 9 -14.26 -32.39 1.58
N GLY E 10 -15.13 -31.59 0.95
CA GLY E 10 -16.55 -31.70 1.18
C GLY E 10 -17.13 -33.00 0.63
N PRO E 11 -18.37 -33.28 1.00
CA PRO E 11 -19.07 -34.47 0.47
C PRO E 11 -19.51 -34.31 -0.98
N ARG E 12 -19.84 -35.45 -1.61
CA ARG E 12 -20.34 -35.42 -2.99
C ARG E 12 -21.69 -34.70 -3.08
N GLY E 13 -21.88 -33.97 -4.17
CA GLY E 13 -23.13 -33.26 -4.39
C GLY E 13 -24.32 -34.19 -4.53
N PHE E 14 -25.50 -33.60 -4.41
CA PHE E 14 -26.74 -34.34 -4.52
C PHE E 14 -26.99 -34.77 -5.97
N PRO E 15 -27.72 -35.86 -6.19
CA PRO E 15 -28.03 -36.28 -7.57
C PRO E 15 -28.87 -35.24 -8.31
N GLY E 16 -28.72 -35.24 -9.63
CA GLY E 16 -29.47 -34.36 -10.51
C GLY E 16 -30.93 -34.77 -10.62
N PRO E 17 -31.76 -33.90 -11.19
CA PRO E 17 -33.19 -34.23 -11.36
C PRO E 17 -33.39 -35.29 -12.43
N PRO E 18 -34.54 -35.96 -12.45
CA PRO E 18 -34.78 -36.97 -13.49
C PRO E 18 -34.79 -36.35 -14.87
N GLY E 19 -34.50 -37.19 -15.86
CA GLY E 19 -34.53 -36.79 -17.25
C GLY E 19 -35.95 -36.71 -17.80
N PRO E 20 -36.31 -35.56 -18.37
CA PRO E 20 -37.64 -35.31 -18.95
C PRO E 20 -37.87 -36.03 -20.27
C ACE F 1 -0.29 14.87 -25.83
O ACE F 1 0.45 15.15 -26.78
CH3 ACE F 1 -0.95 13.53 -25.72
N PRO F 2 -0.49 15.13 -24.55
CA PRO F 2 0.78 15.77 -24.18
C PRO F 2 1.94 14.78 -24.13
N PRO F 3 3.15 15.22 -24.52
CA PRO F 3 4.31 14.34 -24.46
C PRO F 3 4.61 13.89 -23.04
N GLY F 4 5.23 12.72 -22.92
CA GLY F 4 5.64 12.20 -21.65
C GLY F 4 6.74 13.05 -21.04
N PRO F 5 7.12 12.73 -19.79
CA PRO F 5 8.18 13.50 -19.13
C PRO F 5 9.56 13.11 -19.67
N PRO F 6 10.57 13.95 -19.43
CA PRO F 6 11.93 13.61 -19.88
C PRO F 6 12.42 12.32 -19.25
N GLY F 7 13.27 11.57 -20.01
CA GLY F 7 13.81 10.35 -19.52
C GLY F 7 14.78 10.54 -18.37
N PRO F 8 15.29 9.43 -17.83
CA PRO F 8 16.25 9.50 -16.71
C PRO F 8 17.62 9.98 -17.17
N PRO F 9 18.49 10.37 -16.24
CA PRO F 9 19.86 10.69 -16.64
C PRO F 9 20.54 9.47 -17.24
N GLY F 10 21.51 9.72 -18.12
CA GLY F 10 22.35 8.68 -18.67
C GLY F 10 23.21 8.03 -17.61
N PRO F 11 23.93 6.98 -17.98
CA PRO F 11 24.81 6.30 -17.02
C PRO F 11 26.06 7.14 -16.72
N ARG F 12 26.73 6.78 -15.62
CA ARG F 12 27.95 7.48 -15.26
C ARG F 12 29.03 7.31 -16.33
N GLY F 13 29.77 8.39 -16.59
CA GLY F 13 30.88 8.40 -17.53
C GLY F 13 32.03 7.51 -17.10
N PHE F 14 32.95 7.29 -18.04
CA PHE F 14 34.15 6.50 -17.76
C PHE F 14 35.11 7.25 -16.84
N PRO F 15 35.91 6.52 -16.06
CA PRO F 15 36.90 7.19 -15.20
C PRO F 15 37.92 7.97 -16.01
N GLY F 16 38.50 8.98 -15.37
CA GLY F 16 39.48 9.82 -16.02
C GLY F 16 40.79 9.10 -16.26
N PRO F 17 41.64 9.67 -17.11
CA PRO F 17 42.95 9.08 -17.38
C PRO F 17 43.91 9.30 -16.23
N PRO F 18 44.99 8.54 -16.16
CA PRO F 18 45.96 8.75 -15.07
C PRO F 18 46.61 10.12 -15.16
N GLY F 19 47.09 10.58 -14.02
CA GLY F 19 47.80 11.84 -13.95
C GLY F 19 49.21 11.73 -14.49
N PRO F 20 49.87 12.88 -14.56
CA PRO F 20 51.25 12.92 -15.10
C PRO F 20 52.23 12.29 -14.12
N PRO F 21 53.40 11.87 -14.60
CA PRO F 21 54.40 11.28 -13.68
C PRO F 21 54.88 12.28 -12.65
N GLY F 22 55.23 11.78 -11.47
CA GLY F 22 55.74 12.60 -10.40
C GLY F 22 56.83 11.94 -9.57
C ACE G 1 2.63 10.00 -27.29
O ACE G 1 3.34 9.03 -27.60
CH3 ACE G 1 1.39 9.81 -26.48
N PRO G 2 2.96 11.29 -27.37
CA PRO G 2 4.38 11.28 -27.74
C PRO G 2 5.32 11.07 -26.57
N PRO G 3 6.40 10.33 -26.78
CA PRO G 3 7.39 10.13 -25.71
C PRO G 3 8.00 11.46 -25.30
N GLY G 4 8.43 11.54 -24.04
CA GLY G 4 9.14 12.70 -23.56
C GLY G 4 10.52 12.79 -24.20
N PRO G 5 11.21 13.89 -23.97
CA PRO G 5 12.57 14.06 -24.52
C PRO G 5 13.57 13.22 -23.76
N PRO G 6 14.77 13.04 -24.31
CA PRO G 6 15.81 12.31 -23.57
C PRO G 6 16.14 13.01 -22.27
N GLY G 7 16.55 12.21 -21.28
CA GLY G 7 16.98 12.76 -20.02
C GLY G 7 18.29 13.51 -20.15
N PRO G 8 18.75 14.10 -19.05
CA PRO G 8 20.02 14.81 -19.08
C PRO G 8 21.18 13.85 -19.15
N PRO G 9 22.39 14.33 -19.47
CA PRO G 9 23.58 13.47 -19.41
C PRO G 9 23.78 12.89 -18.04
N GLY G 10 24.43 11.74 -18.01
CA GLY G 10 24.80 11.10 -16.76
C GLY G 10 25.83 11.90 -16.01
N PRO G 11 26.14 11.49 -14.78
CA PRO G 11 27.17 12.18 -14.02
C PRO G 11 28.53 11.93 -14.64
N ARG G 12 29.45 12.85 -14.35
CA ARG G 12 30.82 12.69 -14.81
C ARG G 12 31.45 11.46 -14.18
N GLY G 13 32.29 10.78 -14.95
CA GLY G 13 33.02 9.65 -14.39
C GLY G 13 33.94 10.11 -13.28
N PHE G 14 34.41 9.14 -12.49
CA PHE G 14 35.29 9.50 -11.39
C PHE G 14 36.64 9.97 -11.91
N PRO G 15 37.34 10.81 -11.15
CA PRO G 15 38.66 11.26 -11.58
C PRO G 15 39.63 10.09 -11.70
N GLY G 16 40.62 10.27 -12.58
CA GLY G 16 41.62 9.27 -12.83
C GLY G 16 42.61 9.08 -11.69
N PRO G 17 43.37 8.00 -11.74
CA PRO G 17 44.36 7.72 -10.69
C PRO G 17 45.58 8.60 -10.82
N PRO G 18 46.38 8.73 -9.76
CA PRO G 18 47.63 9.50 -9.87
C PRO G 18 48.61 8.84 -10.83
N GLY G 19 49.52 9.66 -11.35
CA GLY G 19 50.57 9.16 -12.20
C GLY G 19 51.67 8.48 -11.41
N PRO G 20 52.74 8.09 -12.13
CA PRO G 20 53.95 7.53 -11.53
C PRO G 20 54.55 8.41 -10.43
C ACE H 1 3.76 9.36 -22.47
O ACE H 1 4.06 9.60 -21.30
CH3 ACE H 1 2.85 10.26 -23.23
N PRO H 2 4.44 8.22 -22.67
CA PRO H 2 5.55 7.48 -22.03
C PRO H 2 6.78 8.36 -21.79
N PRO H 3 7.52 8.12 -20.69
CA PRO H 3 8.74 8.89 -20.46
C PRO H 3 9.74 8.68 -21.58
N GLY H 4 10.58 9.70 -21.79
CA GLY H 4 11.61 9.64 -22.78
C GLY H 4 12.70 8.63 -22.44
N PRO H 5 13.65 8.48 -23.36
CA PRO H 5 14.80 7.57 -23.14
C PRO H 5 15.82 8.18 -22.19
N PRO H 6 16.72 7.36 -21.64
CA PRO H 6 17.81 7.91 -20.82
C PRO H 6 18.66 8.87 -21.63
N GLY H 7 19.25 9.86 -20.92
CA GLY H 7 20.17 10.76 -21.54
C GLY H 7 21.45 10.04 -21.93
N PRO H 8 22.36 10.75 -22.57
CA PRO H 8 23.64 10.12 -22.93
C PRO H 8 24.47 9.84 -21.69
N PRO H 9 25.48 8.98 -21.80
CA PRO H 9 26.40 8.79 -20.67
C PRO H 9 27.08 10.10 -20.29
N GLY H 10 27.44 10.20 -19.01
CA GLY H 10 28.14 11.38 -18.54
C GLY H 10 29.51 11.51 -19.15
N PRO H 11 30.13 12.67 -18.97
CA PRO H 11 31.47 12.87 -19.53
C PRO H 11 32.52 12.08 -18.76
N ARG H 12 33.65 11.84 -19.42
CA ARG H 12 34.75 11.15 -18.78
C ARG H 12 35.25 11.97 -17.59
N GLY H 13 35.68 11.27 -16.55
CA GLY H 13 36.24 11.95 -15.39
C GLY H 13 37.47 12.77 -15.74
N PHE H 14 37.82 13.68 -14.83
CA PHE H 14 38.99 14.54 -15.02
C PHE H 14 40.28 13.71 -14.91
N PRO H 15 41.36 14.17 -15.54
CA PRO H 15 42.63 13.47 -15.40
C PRO H 15 43.06 13.44 -13.94
N GLY H 16 43.82 12.40 -13.59
CA GLY H 16 44.25 12.23 -12.22
C GLY H 16 45.28 13.26 -11.82
N PRO H 17 45.54 13.35 -10.52
CA PRO H 17 46.55 14.29 -10.03
C PRO H 17 47.94 13.77 -10.36
N PRO H 18 48.95 14.63 -10.33
CA PRO H 18 50.32 14.17 -10.55
C PRO H 18 50.78 13.21 -9.46
N GLY H 19 51.80 12.43 -9.78
CA GLY H 19 52.38 11.52 -8.81
C GLY H 19 53.29 12.21 -7.81
#